data_7ONT
#
_entry.id   7ONT
#
_cell.length_a   48.573
_cell.length_b   92.621
_cell.length_c   164.312
_cell.angle_alpha   90.000
_cell.angle_beta   90.000
_cell.angle_gamma   90.000
#
_symmetry.space_group_name_H-M   'P 21 21 21'
#
loop_
_entity.id
_entity.type
_entity.pdbx_description
1 polymer 'Poly [ADP-ribose] polymerase 1'
2 non-polymer 5-[4-[(3-ethyl-2-oxidanylidene-1~{H}-quinolin-7-yl)methyl]piperazin-1-yl]-~{N}-methyl-pyridine-2-carboxamide
3 non-polymer 'SULFATE ION'
4 water water
#
_entity_poly.entity_id   1
_entity_poly.type   'polypeptide(L)'
_entity_poly.pdbx_seq_one_letter_code
;GSKSKLPKPVQDLIKMIFDVESMKKAMVEYEIDLQKMPLGKLSKRQIQAAYSILSEVQQAVSQGSSDSQILDLSNRFYTL
IPHDFGMKKPPLLNNADSVQAKAEMLDNLLDIEVAYSLLRGGSDDSSKDPIDVNYEKLKTDIKVVDRDSEEAEIIRKYVK
NTHATTHNAYDLEVIDIFKIEREGECQRYKPFKQLHNRRLLWHGSRTTNFAGILSQGLRIAPPEAPVTGYMFGKGIYFAD
MVSKSANYCHTSQGDPIGLILLGEVALGNMYELKHASHISKLPKGKHSVKGLGKTTPDPSANISLDGVDVPLGTGISSGV
NDTSLLYNEYIVYDIAQVNLKYLLKLKFNFKT
;
_entity_poly.pdbx_strand_id   A,B
#
# COMPACT_ATOMS: atom_id res chain seq x y z
N LYS A 3 4.45 18.99 50.35
CA LYS A 3 3.40 18.05 49.91
C LYS A 3 2.48 18.72 48.91
N SER A 4 2.25 18.06 47.77
CA SER A 4 1.46 18.58 46.67
C SER A 4 0.00 18.90 46.99
N LYS A 5 -0.46 20.06 46.48
CA LYS A 5 -1.83 20.54 46.59
C LYS A 5 -2.67 20.20 45.33
N LEU A 6 -2.07 19.51 44.33
CA LEU A 6 -2.79 19.06 43.15
C LEU A 6 -3.86 18.05 43.58
N PRO A 7 -4.99 18.00 42.89
CA PRO A 7 -6.02 16.98 43.21
C PRO A 7 -5.42 15.57 43.16
N LYS A 8 -5.91 14.66 44.01
CA LYS A 8 -5.42 13.28 44.06
C LYS A 8 -5.51 12.55 42.70
N PRO A 9 -6.58 12.71 41.87
CA PRO A 9 -6.55 12.06 40.54
C PRO A 9 -5.40 12.56 39.67
N VAL A 10 -5.02 13.85 39.78
CA VAL A 10 -3.93 14.42 38.99
C VAL A 10 -2.57 13.89 39.48
N GLN A 11 -2.39 13.76 40.81
CA GLN A 11 -1.18 13.20 41.37
C GLN A 11 -0.99 11.75 40.92
N ASP A 12 -2.06 10.95 40.94
CA ASP A 12 -2.01 9.55 40.50
C ASP A 12 -1.71 9.46 38.99
N LEU A 13 -2.20 10.40 38.20
CA LEU A 13 -1.89 10.46 36.77
C LEU A 13 -0.37 10.72 36.55
N ILE A 14 0.21 11.69 37.29
CA ILE A 14 1.63 12.05 37.18
C ILE A 14 2.53 10.86 37.57
N LYS A 15 2.18 10.16 38.66
CA LYS A 15 2.99 9.04 39.13
C LYS A 15 3.06 7.93 38.10
N MET A 16 1.90 7.60 37.55
CA MET A 16 1.69 6.60 36.51
C MET A 16 2.50 6.90 35.23
N ILE A 17 2.48 8.16 34.73
CA ILE A 17 3.15 8.46 33.48
C ILE A 17 4.66 8.68 33.61
N PHE A 18 5.17 8.99 34.81
CA PHE A 18 6.61 9.15 35.02
C PHE A 18 7.27 7.95 35.72
N ASP A 19 6.58 6.81 35.82
CA ASP A 19 7.09 5.61 36.45
C ASP A 19 8.24 4.98 35.62
N VAL A 20 9.46 4.98 36.16
CA VAL A 20 10.65 4.44 35.48
C VAL A 20 10.56 2.91 35.31
N GLU A 21 10.00 2.20 36.33
CA GLU A 21 9.89 0.75 36.20
C GLU A 21 8.92 0.35 35.07
N SER A 22 7.88 1.15 34.81
CA SER A 22 6.97 0.91 33.70
C SER A 22 7.68 1.12 32.36
N MET A 23 8.57 2.11 32.28
CA MET A 23 9.33 2.35 31.05
C MET A 23 10.25 1.16 30.79
N LYS A 24 10.91 0.63 31.84
CA LYS A 24 11.78 -0.54 31.70
C LYS A 24 10.98 -1.76 31.27
N LYS A 25 9.77 -1.94 31.82
CA LYS A 25 8.83 -3.02 31.47
C LYS A 25 8.48 -2.97 29.98
N ALA A 26 8.22 -1.78 29.44
CA ALA A 26 7.89 -1.60 28.05
C ALA A 26 9.11 -1.99 27.17
N MET A 27 10.32 -1.68 27.61
CA MET A 27 11.53 -2.06 26.87
C MET A 27 11.80 -3.56 26.91
N VAL A 28 11.50 -4.23 28.03
CA VAL A 28 11.64 -5.68 28.15
C VAL A 28 10.59 -6.36 27.23
N GLU A 29 9.36 -5.81 27.16
CA GLU A 29 8.30 -6.31 26.28
C GLU A 29 8.76 -6.33 24.81
N TYR A 30 9.62 -5.39 24.42
CA TYR A 30 10.18 -5.34 23.07
C TYR A 30 11.41 -6.20 22.86
N GLU A 31 11.77 -7.01 23.86
CA GLU A 31 12.95 -7.87 23.86
C GLU A 31 14.24 -7.05 23.71
N ILE A 32 14.25 -5.79 24.13
CA ILE A 32 15.45 -4.95 24.07
C ILE A 32 16.41 -5.37 25.19
N ASP A 33 17.71 -5.41 24.88
CA ASP A 33 18.73 -5.74 25.85
C ASP A 33 19.00 -4.56 26.76
N LEU A 34 18.45 -4.56 27.99
CA LEU A 34 18.66 -3.44 28.91
C LEU A 34 20.09 -3.35 29.48
N GLN A 35 20.88 -4.43 29.35
CA GLN A 35 22.29 -4.44 29.79
C GLN A 35 23.13 -3.66 28.78
N LYS A 36 22.88 -3.88 27.48
CA LYS A 36 23.62 -3.20 26.42
C LYS A 36 23.04 -1.82 26.16
N MET A 37 21.71 -1.68 26.20
CA MET A 37 21.08 -0.38 26.01
C MET A 37 20.04 -0.05 27.04
N PRO A 38 20.47 0.42 28.23
CA PRO A 38 19.48 0.84 29.22
C PRO A 38 18.75 2.12 28.80
N LEU A 39 17.65 2.47 29.53
CA LEU A 39 16.83 3.66 29.37
C LEU A 39 17.65 4.94 29.21
N GLY A 40 18.70 5.10 30.03
CA GLY A 40 19.54 6.30 30.00
C GLY A 40 20.39 6.47 28.77
N LYS A 41 20.63 5.38 28.04
CA LYS A 41 21.45 5.43 26.83
C LYS A 41 20.65 5.43 25.53
N LEU A 42 19.33 5.43 25.62
CA LEU A 42 18.41 5.51 24.51
C LEU A 42 18.52 6.97 24.00
N SER A 43 18.77 7.15 22.70
CA SER A 43 18.88 8.50 22.15
C SER A 43 18.14 8.64 20.83
N LYS A 44 17.68 9.85 20.50
CA LYS A 44 16.98 10.14 19.24
C LYS A 44 17.85 9.75 18.04
N ARG A 45 19.16 10.00 18.13
CA ARG A 45 20.18 9.73 17.13
C ARG A 45 20.22 8.25 16.80
N GLN A 46 20.29 7.37 17.81
CA GLN A 46 20.30 5.92 17.62
C GLN A 46 18.97 5.41 17.03
N ILE A 47 17.82 5.87 17.58
CA ILE A 47 16.51 5.49 17.06
C ILE A 47 16.36 5.91 15.59
N GLN A 48 16.80 7.14 15.23
CA GLN A 48 16.73 7.64 13.89
C GLN A 48 17.58 6.78 12.94
N ALA A 49 18.73 6.30 13.41
CA ALA A 49 19.58 5.46 12.58
C ALA A 49 18.91 4.10 12.37
N ALA A 50 18.22 3.56 13.39
CA ALA A 50 17.48 2.31 13.31
C ALA A 50 16.35 2.43 12.27
N TYR A 51 15.64 3.59 12.25
CA TYR A 51 14.60 3.84 11.25
C TYR A 51 15.20 3.78 9.84
N SER A 52 16.37 4.38 9.66
CA SER A 52 17.03 4.39 8.38
C SER A 52 17.38 2.96 7.90
N ILE A 53 17.78 2.09 8.81
CA ILE A 53 18.06 0.69 8.49
C ILE A 53 16.76 -0.03 8.14
N LEU A 54 15.65 0.25 8.85
CA LEU A 54 14.33 -0.30 8.50
C LEU A 54 13.92 0.11 7.10
N SER A 55 14.20 1.38 6.71
CA SER A 55 13.95 1.83 5.35
C SER A 55 14.81 1.02 4.35
N GLU A 56 16.05 0.70 4.71
CA GLU A 56 16.93 -0.09 3.84
C GLU A 56 16.39 -1.53 3.69
N VAL A 57 15.88 -2.11 4.81
CA VAL A 57 15.31 -3.47 4.83
C VAL A 57 14.07 -3.48 3.95
N GLN A 58 13.15 -2.52 4.17
CA GLN A 58 11.92 -2.43 3.39
C GLN A 58 12.19 -2.28 1.89
N GLN A 59 13.29 -1.61 1.54
CA GLN A 59 13.69 -1.44 0.15
C GLN A 59 14.09 -2.78 -0.44
N ALA A 60 14.83 -3.60 0.33
CA ALA A 60 15.22 -4.92 -0.14
C ALA A 60 14.02 -5.88 -0.21
N VAL A 61 13.06 -5.80 0.74
CA VAL A 61 11.89 -6.68 0.70
C VAL A 61 11.00 -6.35 -0.52
N SER A 62 10.80 -5.05 -0.82
CA SER A 62 9.99 -4.63 -1.96
C SER A 62 10.64 -5.04 -3.31
N GLN A 63 11.96 -5.28 -3.32
CA GLN A 63 12.67 -5.71 -4.50
C GLN A 63 12.92 -7.22 -4.57
N GLY A 64 12.21 -8.00 -3.77
CA GLY A 64 12.31 -9.45 -3.75
C GLY A 64 13.69 -10.00 -3.44
N SER A 65 14.36 -9.45 -2.41
CA SER A 65 15.67 -9.93 -2.00
C SER A 65 15.52 -11.27 -1.29
N SER A 66 16.46 -12.19 -1.52
CA SER A 66 16.45 -13.48 -0.83
C SER A 66 16.79 -13.28 0.66
N ASP A 67 16.54 -14.29 1.49
CA ASP A 67 16.86 -14.25 2.92
C ASP A 67 18.35 -14.07 3.13
N SER A 68 19.19 -14.70 2.29
CA SER A 68 20.65 -14.54 2.40
C SER A 68 21.09 -13.11 2.03
N GLN A 69 20.40 -12.50 1.07
CA GLN A 69 20.71 -11.13 0.65
C GLN A 69 20.30 -10.13 1.73
N ILE A 70 19.20 -10.40 2.45
CA ILE A 70 18.68 -9.47 3.42
C ILE A 70 19.29 -9.63 4.83
N LEU A 71 20.03 -10.71 5.09
CA LEU A 71 20.63 -10.98 6.40
C LEU A 71 21.48 -9.82 6.91
N ASP A 72 22.38 -9.29 6.07
CA ASP A 72 23.23 -8.17 6.45
C ASP A 72 22.43 -6.95 6.86
N LEU A 73 21.31 -6.65 6.16
CA LEU A 73 20.45 -5.49 6.46
C LEU A 73 19.72 -5.66 7.77
N SER A 74 19.13 -6.87 7.96
CA SER A 74 18.39 -7.22 9.15
C SER A 74 19.33 -7.13 10.38
N ASN A 75 20.54 -7.71 10.26
CA ASN A 75 21.56 -7.72 11.32
C ASN A 75 21.96 -6.31 11.73
N ARG A 76 22.01 -5.38 10.74
CA ARG A 76 22.35 -3.99 10.99
C ARG A 76 21.37 -3.34 11.96
N PHE A 77 20.09 -3.70 11.87
CA PHE A 77 19.08 -3.12 12.75
C PHE A 77 19.34 -3.54 14.19
N TYR A 78 19.62 -4.83 14.40
CA TYR A 78 19.91 -5.38 15.73
C TYR A 78 21.17 -4.84 16.32
N THR A 79 22.13 -4.42 15.48
CA THR A 79 23.34 -3.80 15.94
C THR A 79 23.00 -2.44 16.56
N LEU A 80 22.12 -1.66 15.89
CA LEU A 80 21.74 -0.35 16.39
C LEU A 80 20.83 -0.42 17.59
N ILE A 81 19.84 -1.32 17.58
CA ILE A 81 18.93 -1.49 18.70
C ILE A 81 19.17 -2.88 19.26
N PRO A 82 20.07 -3.03 20.24
CA PRO A 82 20.38 -4.38 20.74
C PRO A 82 19.20 -5.11 21.40
N HIS A 83 18.97 -6.34 20.98
CA HIS A 83 17.89 -7.16 21.49
C HIS A 83 18.47 -8.34 22.30
N ASP A 84 17.70 -8.82 23.24
CA ASP A 84 18.09 -9.87 24.15
C ASP A 84 17.75 -11.25 23.61
N PHE A 85 18.70 -11.85 22.87
CA PHE A 85 18.54 -13.20 22.35
C PHE A 85 19.64 -14.16 22.80
N GLY A 86 20.38 -13.78 23.85
CA GLY A 86 21.50 -14.51 24.41
C GLY A 86 22.57 -14.74 23.36
N MET A 87 22.93 -16.01 23.18
CA MET A 87 23.91 -16.40 22.18
C MET A 87 23.27 -16.98 20.93
N LYS A 88 22.01 -16.66 20.65
CA LYS A 88 21.33 -17.16 19.46
C LYS A 88 21.25 -16.06 18.42
N LYS A 89 21.03 -16.46 17.16
CA LYS A 89 20.75 -15.53 16.08
C LYS A 89 19.38 -14.89 16.33
N PRO A 90 19.27 -13.57 16.12
CA PRO A 90 17.95 -12.92 16.24
C PRO A 90 17.02 -13.32 15.09
N PRO A 91 15.69 -13.15 15.24
CA PRO A 91 14.79 -13.42 14.10
C PRO A 91 15.07 -12.53 12.87
N LEU A 92 15.05 -13.12 11.66
CA LEU A 92 15.31 -12.39 10.43
C LEU A 92 14.21 -11.41 10.05
N LEU A 93 14.54 -10.16 9.71
CA LEU A 93 13.56 -9.18 9.27
C LEU A 93 13.60 -9.27 7.76
N ASN A 94 12.72 -10.10 7.21
CA ASN A 94 12.70 -10.30 5.76
C ASN A 94 11.37 -9.98 5.09
N ASN A 95 10.44 -9.34 5.81
CA ASN A 95 9.14 -9.04 5.23
C ASN A 95 8.54 -7.72 5.76
N ALA A 96 7.51 -7.20 5.08
CA ALA A 96 6.82 -5.96 5.44
C ALA A 96 6.24 -5.95 6.85
N ASP A 97 5.68 -7.08 7.32
CA ASP A 97 5.10 -7.17 8.66
C ASP A 97 6.13 -6.97 9.77
N SER A 98 7.31 -7.55 9.58
CA SER A 98 8.44 -7.47 10.49
C SER A 98 8.91 -6.03 10.60
N VAL A 99 8.99 -5.33 9.46
CA VAL A 99 9.41 -3.96 9.35
C VAL A 99 8.42 -3.05 10.06
N GLN A 100 7.12 -3.28 9.83
CA GLN A 100 6.06 -2.51 10.45
C GLN A 100 6.10 -2.67 11.98
N ALA A 101 6.32 -3.89 12.48
CA ALA A 101 6.39 -4.12 13.92
C ALA A 101 7.57 -3.35 14.53
N LYS A 102 8.72 -3.33 13.85
CA LYS A 102 9.88 -2.58 14.35
C LYS A 102 9.70 -1.04 14.25
N ALA A 103 9.02 -0.56 13.19
CA ALA A 103 8.74 0.87 13.07
C ALA A 103 7.82 1.31 14.21
N GLU A 104 6.85 0.47 14.58
CA GLU A 104 5.93 0.75 15.66
C GLU A 104 6.66 0.78 17.01
N MET A 105 7.62 -0.13 17.21
CA MET A 105 8.41 -0.13 18.43
C MET A 105 9.26 1.17 18.53
N LEU A 106 9.92 1.57 17.43
CA LEU A 106 10.74 2.78 17.44
C LEU A 106 9.91 4.01 17.75
N ASP A 107 8.67 4.11 17.20
CA ASP A 107 7.76 5.23 17.50
C ASP A 107 7.55 5.34 19.04
N ASN A 108 7.31 4.18 19.72
CA ASN A 108 7.10 4.14 21.16
C ASN A 108 8.36 4.53 21.91
N LEU A 109 9.53 4.09 21.42
CA LEU A 109 10.83 4.44 21.98
C LEU A 109 11.04 5.96 21.96
N LEU A 110 10.59 6.65 20.91
CA LEU A 110 10.71 8.10 20.86
C LEU A 110 9.94 8.80 21.99
N ASP A 111 8.75 8.27 22.40
CA ASP A 111 7.99 8.87 23.49
C ASP A 111 8.67 8.53 24.84
N ILE A 112 9.15 7.30 25.00
CA ILE A 112 9.83 6.87 26.22
C ILE A 112 11.11 7.69 26.45
N GLU A 113 11.88 7.97 25.40
CA GLU A 113 13.10 8.76 25.50
C GLU A 113 12.75 10.19 25.98
N VAL A 114 11.67 10.78 25.44
CA VAL A 114 11.23 12.10 25.88
C VAL A 114 10.93 12.09 27.40
N ALA A 115 10.16 11.09 27.86
CA ALA A 115 9.83 10.99 29.30
C ALA A 115 11.09 10.87 30.16
N TYR A 116 12.01 9.96 29.78
CA TYR A 116 13.23 9.77 30.54
C TYR A 116 14.12 11.04 30.51
N SER A 117 14.17 11.73 29.37
CA SER A 117 14.93 13.00 29.22
C SER A 117 14.35 14.10 30.13
N LEU A 118 13.02 14.16 30.35
CA LEU A 118 12.42 15.13 31.27
C LEU A 118 12.89 14.86 32.74
N LEU A 119 12.92 13.59 33.13
CA LEU A 119 13.35 13.21 34.49
C LEU A 119 14.85 13.51 34.78
N ARG A 120 15.69 13.38 33.78
CA ARG A 120 17.13 13.57 33.94
C ARG A 120 17.66 14.97 33.70
N GLY A 121 16.98 15.72 32.86
CA GLY A 121 17.47 17.01 32.43
C GLY A 121 17.09 18.24 33.21
N GLY A 122 16.56 18.07 34.42
CA GLY A 122 16.19 19.22 35.22
C GLY A 122 17.05 19.42 36.45
N SER A 123 16.42 19.96 37.48
CA SER A 123 17.02 20.28 38.75
C SER A 123 16.52 19.37 39.89
N ASP A 124 17.34 19.22 40.92
CA ASP A 124 17.09 18.39 42.08
C ASP A 124 16.87 19.28 43.31
N ASP A 125 15.68 19.20 43.91
CA ASP A 125 15.33 19.94 45.11
C ASP A 125 14.45 19.07 45.98
N SER A 126 15.02 18.55 47.09
CA SER A 126 14.34 17.68 48.07
C SER A 126 13.13 18.35 48.73
N SER A 127 13.17 19.67 48.90
CA SER A 127 12.10 20.40 49.57
C SER A 127 10.79 20.47 48.79
N LYS A 128 10.83 20.22 47.47
CA LYS A 128 9.62 20.23 46.64
C LYS A 128 9.08 18.82 46.47
N ASP A 129 7.76 18.67 46.32
CA ASP A 129 7.18 17.34 46.12
C ASP A 129 7.52 16.93 44.68
N PRO A 130 8.05 15.71 44.49
CA PRO A 130 8.40 15.27 43.13
C PRO A 130 7.24 15.27 42.15
N ILE A 131 5.99 15.05 42.64
CA ILE A 131 4.81 15.07 41.79
C ILE A 131 4.62 16.47 41.19
N ASP A 132 4.83 17.54 42.01
CA ASP A 132 4.72 18.93 41.53
C ASP A 132 5.81 19.24 40.52
N VAL A 133 7.04 18.79 40.82
CA VAL A 133 8.19 18.98 39.94
C VAL A 133 7.93 18.32 38.58
N ASN A 134 7.47 17.06 38.59
CA ASN A 134 7.17 16.33 37.34
C ASN A 134 5.97 16.92 36.59
N TYR A 135 4.98 17.45 37.32
CA TYR A 135 3.82 18.07 36.70
C TYR A 135 4.24 19.29 35.85
N GLU A 136 5.14 20.10 36.38
CA GLU A 136 5.59 21.30 35.67
C GLU A 136 6.38 20.97 34.41
N LYS A 137 7.05 19.79 34.36
CA LYS A 137 7.80 19.38 33.17
C LYS A 137 6.90 19.14 31.95
N LEU A 138 5.63 18.80 32.17
CA LEU A 138 4.67 18.52 31.10
C LEU A 138 4.20 19.75 30.34
N LYS A 139 4.30 20.94 30.98
CA LYS A 139 3.87 22.24 30.41
C LYS A 139 2.44 22.14 29.86
N THR A 140 1.58 21.48 30.65
CA THR A 140 0.19 21.19 30.34
C THR A 140 -0.61 21.43 31.59
N ASP A 141 -1.67 22.23 31.44
CA ASP A 141 -2.58 22.47 32.55
C ASP A 141 -3.51 21.26 32.57
N ILE A 142 -3.60 20.57 33.71
CA ILE A 142 -4.46 19.41 33.83
C ILE A 142 -5.49 19.65 34.91
N LYS A 143 -6.77 19.63 34.56
CA LYS A 143 -7.81 19.81 35.58
C LYS A 143 -8.75 18.59 35.59
N VAL A 144 -9.37 18.31 36.73
CA VAL A 144 -10.31 17.19 36.85
C VAL A 144 -11.69 17.67 36.41
N VAL A 145 -12.32 16.97 35.47
CA VAL A 145 -13.65 17.30 35.04
C VAL A 145 -14.63 16.69 36.07
N ASP A 146 -15.58 17.50 36.57
CA ASP A 146 -16.59 17.08 37.53
C ASP A 146 -17.53 16.04 36.93
N ARG A 147 -17.71 14.91 37.65
CA ARG A 147 -18.55 13.79 37.23
C ARG A 147 -19.95 14.19 36.82
N ASP A 148 -20.50 15.24 37.42
CA ASP A 148 -21.86 15.66 37.11
C ASP A 148 -21.98 16.79 36.09
N SER A 149 -20.87 17.22 35.50
CA SER A 149 -20.91 18.27 34.49
C SER A 149 -21.46 17.75 33.16
N GLU A 150 -21.90 18.68 32.28
CA GLU A 150 -22.44 18.35 30.97
C GLU A 150 -21.39 17.68 30.08
N GLU A 151 -20.12 18.15 30.15
CA GLU A 151 -19.08 17.56 29.31
C GLU A 151 -18.73 16.14 29.77
N ALA A 152 -18.81 15.83 31.08
CA ALA A 152 -18.55 14.49 31.56
C ALA A 152 -19.60 13.51 31.05
N GLU A 153 -20.88 13.92 31.07
CA GLU A 153 -21.99 13.09 30.62
C GLU A 153 -21.83 12.78 29.13
N ILE A 154 -21.38 13.76 28.33
CA ILE A 154 -21.18 13.53 26.91
C ILE A 154 -20.01 12.57 26.69
N ILE A 155 -18.93 12.76 27.44
CA ILE A 155 -17.75 11.91 27.35
C ILE A 155 -18.10 10.46 27.73
N ARG A 156 -18.83 10.27 28.84
CA ARG A 156 -19.24 8.93 29.27
C ARG A 156 -20.14 8.25 28.24
N LYS A 157 -21.04 9.02 27.58
CA LYS A 157 -21.91 8.52 26.53
C LYS A 157 -21.10 8.05 25.32
N TYR A 158 -20.08 8.82 24.91
CA TYR A 158 -19.19 8.49 23.81
C TYR A 158 -18.49 7.12 24.12
N VAL A 159 -18.02 6.92 25.34
CA VAL A 159 -17.39 5.65 25.76
C VAL A 159 -18.41 4.51 25.76
N LYS A 160 -19.58 4.75 26.35
CA LYS A 160 -20.66 3.76 26.48
C LYS A 160 -21.23 3.30 25.10
N ASN A 161 -21.33 4.21 24.13
CA ASN A 161 -21.94 3.90 22.84
C ASN A 161 -21.04 3.39 21.76
N THR A 162 -19.72 3.58 21.87
CA THR A 162 -18.84 3.23 20.75
C THR A 162 -17.87 2.11 21.05
N HIS A 163 -18.26 1.20 21.94
CA HIS A 163 -17.46 0.01 22.17
C HIS A 163 -17.94 -1.04 21.12
N ALA A 164 -17.11 -1.40 20.13
CA ALA A 164 -17.49 -2.38 19.11
C ALA A 164 -17.72 -3.80 19.68
N THR A 165 -18.66 -4.55 19.07
CA THR A 165 -19.00 -5.94 19.43
C THR A 165 -17.80 -6.85 19.21
N THR A 166 -17.00 -6.62 18.15
CA THR A 166 -15.81 -7.42 17.88
C THR A 166 -14.66 -7.19 18.90
N HIS A 167 -14.80 -6.18 19.81
CA HIS A 167 -13.80 -5.93 20.83
C HIS A 167 -14.40 -6.28 22.21
N ASN A 168 -15.21 -7.34 22.28
CA ASN A 168 -15.93 -7.71 23.49
C ASN A 168 -15.11 -8.54 24.48
N ALA A 169 -13.80 -8.74 24.27
CA ALA A 169 -12.96 -9.44 25.26
C ALA A 169 -12.84 -8.62 26.56
N TYR A 170 -13.13 -7.32 26.53
CA TYR A 170 -13.09 -6.47 27.71
C TYR A 170 -14.24 -5.46 27.70
N ASP A 171 -14.55 -4.88 28.85
CA ASP A 171 -15.42 -3.70 28.88
C ASP A 171 -14.66 -2.56 29.59
N LEU A 172 -15.15 -1.33 29.39
CA LEU A 172 -14.46 -0.15 29.86
C LEU A 172 -15.23 0.61 30.92
N GLU A 173 -14.53 1.12 31.91
CA GLU A 173 -15.13 1.94 32.96
C GLU A 173 -14.29 3.23 33.06
N VAL A 174 -14.91 4.40 32.95
CA VAL A 174 -14.20 5.67 33.01
C VAL A 174 -13.93 5.96 34.47
N ILE A 175 -12.65 6.07 34.88
CA ILE A 175 -12.31 6.37 36.27
C ILE A 175 -12.21 7.90 36.46
N ASP A 176 -11.36 8.58 35.66
CA ASP A 176 -11.19 10.01 35.74
C ASP A 176 -11.21 10.65 34.38
N ILE A 177 -11.77 11.85 34.30
CA ILE A 177 -11.77 12.65 33.09
C ILE A 177 -10.96 13.90 33.41
N PHE A 178 -9.93 14.17 32.62
CA PHE A 178 -9.07 15.33 32.79
C PHE A 178 -9.23 16.25 31.59
N LYS A 179 -9.28 17.55 31.83
CA LYS A 179 -9.30 18.56 30.80
C LYS A 179 -7.83 18.99 30.69
N ILE A 180 -7.26 18.91 29.49
CA ILE A 180 -5.85 19.20 29.29
C ILE A 180 -5.65 20.34 28.32
N GLU A 181 -4.64 21.14 28.62
CA GLU A 181 -4.29 22.29 27.79
C GLU A 181 -2.77 22.35 27.69
N ARG A 182 -2.24 21.82 26.59
CA ARG A 182 -0.81 21.83 26.34
C ARG A 182 -0.43 23.25 26.00
N GLU A 183 0.64 23.77 26.61
CA GLU A 183 1.10 25.13 26.35
C GLU A 183 1.46 25.32 24.87
N GLY A 184 0.95 26.40 24.27
CA GLY A 184 1.17 26.78 22.89
C GLY A 184 0.35 26.05 21.84
N GLU A 185 -0.38 24.98 22.23
CA GLU A 185 -1.12 24.18 21.27
C GLU A 185 -2.32 24.91 20.66
N CYS A 186 -3.04 25.68 21.47
CA CYS A 186 -4.18 26.43 20.96
C CYS A 186 -3.72 27.48 19.92
N GLN A 187 -2.57 28.10 20.17
CA GLN A 187 -1.96 29.09 19.28
C GLN A 187 -1.56 28.41 17.94
N ARG A 188 -1.01 27.22 18.02
CA ARG A 188 -0.59 26.42 16.86
C ARG A 188 -1.83 26.01 16.01
N TYR A 189 -2.93 25.72 16.67
CA TYR A 189 -4.18 25.28 16.08
C TYR A 189 -4.97 26.38 15.37
N LYS A 190 -4.69 27.67 15.67
CA LYS A 190 -5.41 28.83 15.09
C LYS A 190 -5.77 28.75 13.59
N PRO A 191 -4.84 28.45 12.64
CA PRO A 191 -5.25 28.38 11.21
C PRO A 191 -6.32 27.33 10.89
N PHE A 192 -6.53 26.37 11.79
CA PHE A 192 -7.50 25.30 11.61
C PHE A 192 -8.73 25.39 12.51
N LYS A 193 -8.79 26.36 13.43
CA LYS A 193 -9.85 26.46 14.43
C LYS A 193 -11.26 26.70 13.85
N GLN A 194 -11.35 27.11 12.58
CA GLN A 194 -12.66 27.33 11.95
C GLN A 194 -12.88 26.45 10.72
N LEU A 195 -11.94 25.53 10.41
CA LEU A 195 -12.02 24.59 9.30
C LEU A 195 -13.28 23.73 9.48
N HIS A 196 -13.90 23.31 8.37
CA HIS A 196 -15.09 22.47 8.45
C HIS A 196 -14.67 21.05 8.86
N ASN A 197 -15.62 20.22 9.29
CA ASN A 197 -15.35 18.84 9.74
C ASN A 197 -14.36 18.75 10.91
N ARG A 198 -14.60 19.53 11.96
CA ARG A 198 -13.79 19.40 13.17
C ARG A 198 -14.51 18.38 14.04
N ARG A 199 -13.83 17.27 14.38
CA ARG A 199 -14.46 16.20 15.17
C ARG A 199 -13.65 15.91 16.42
N LEU A 200 -14.32 15.41 17.45
CA LEU A 200 -13.69 15.00 18.70
C LEU A 200 -13.47 13.52 18.54
N LEU A 201 -12.21 13.12 18.38
CA LEU A 201 -11.86 11.75 18.12
C LEU A 201 -10.93 11.18 19.17
N TRP A 202 -10.89 9.87 19.27
CA TRP A 202 -10.08 9.14 20.23
C TRP A 202 -8.66 8.89 19.71
N HIS A 203 -7.72 8.80 20.65
CA HIS A 203 -6.36 8.38 20.41
C HIS A 203 -5.85 7.67 21.67
N GLY A 204 -5.69 6.37 21.56
CA GLY A 204 -5.17 5.57 22.66
C GLY A 204 -3.68 5.34 22.51
N SER A 205 -3.00 5.15 23.63
CA SER A 205 -1.57 4.89 23.61
C SER A 205 -1.15 4.20 24.90
N ARG A 206 0.06 3.58 24.91
CA ARG A 206 0.54 2.97 26.14
C ARG A 206 0.83 4.04 27.19
N THR A 207 0.68 3.71 28.48
CA THR A 207 0.88 4.65 29.58
C THR A 207 2.27 5.32 29.51
N THR A 208 3.27 4.55 29.08
CA THR A 208 4.64 5.01 28.93
C THR A 208 4.85 6.06 27.82
N ASN A 209 3.81 6.35 26.99
CA ASN A 209 3.88 7.39 25.96
C ASN A 209 3.33 8.74 26.41
N PHE A 210 2.52 8.77 27.48
CA PHE A 210 1.79 9.95 27.88
C PHE A 210 2.63 11.11 28.42
N ALA A 211 3.81 10.87 29.04
CA ALA A 211 4.67 12.02 29.41
C ALA A 211 5.17 12.72 28.13
N GLY A 212 5.51 11.92 27.12
CA GLY A 212 5.94 12.43 25.82
C GLY A 212 4.81 13.11 25.06
N ILE A 213 3.61 12.53 25.10
CA ILE A 213 2.45 13.10 24.44
C ILE A 213 2.05 14.44 25.10
N LEU A 214 1.99 14.51 26.46
CA LEU A 214 1.61 15.78 27.10
C LEU A 214 2.68 16.84 26.90
N SER A 215 3.95 16.42 26.98
CA SER A 215 5.09 17.32 26.75
C SER A 215 5.21 17.85 25.30
N GLN A 216 5.22 16.95 24.31
CA GLN A 216 5.47 17.29 22.91
C GLN A 216 4.27 17.25 21.97
N GLY A 217 3.15 16.73 22.45
CA GLY A 217 1.94 16.58 21.66
C GLY A 217 1.98 15.31 20.83
N LEU A 218 0.93 15.07 20.05
CA LEU A 218 0.91 13.96 19.11
C LEU A 218 1.85 14.35 17.96
N ARG A 219 2.72 13.43 17.58
CA ARG A 219 3.74 13.70 16.56
C ARG A 219 3.66 12.66 15.44
N ILE A 220 4.21 13.02 14.31
CA ILE A 220 4.23 12.13 13.14
C ILE A 220 5.58 11.41 13.15
N ALA A 221 5.67 10.13 12.72
CA ALA A 221 6.96 9.40 12.63
C ALA A 221 7.99 10.24 11.83
N PRO A 222 9.29 10.22 12.20
CA PRO A 222 10.26 11.09 11.51
C PRO A 222 10.49 10.75 10.05
N PRO A 223 11.14 11.66 9.27
CA PRO A 223 11.38 11.37 7.86
C PRO A 223 12.15 10.08 7.61
N GLU A 224 12.98 9.65 8.57
CA GLU A 224 13.77 8.43 8.45
C GLU A 224 12.94 7.16 8.49
N ALA A 225 11.72 7.22 9.06
CA ALA A 225 10.85 6.06 9.17
C ALA A 225 10.35 5.58 7.83
N PRO A 226 10.21 4.26 7.61
CA PRO A 226 9.68 3.79 6.30
C PRO A 226 8.17 4.07 6.17
N VAL A 227 7.74 4.77 5.11
CA VAL A 227 6.31 5.07 4.88
C VAL A 227 5.45 3.82 4.77
N THR A 228 6.02 2.73 4.24
CA THR A 228 5.29 1.47 4.09
C THR A 228 5.01 0.76 5.41
N GLY A 229 5.64 1.22 6.51
CA GLY A 229 5.39 0.68 7.83
C GLY A 229 4.09 1.20 8.44
N TYR A 230 3.34 2.09 7.73
CA TYR A 230 2.10 2.73 8.21
C TYR A 230 1.03 2.64 7.14
N MET A 231 -0.16 2.12 7.49
CA MET A 231 -1.26 1.87 6.57
C MET A 231 -1.60 3.03 5.62
N PHE A 232 -1.70 4.24 6.18
CA PHE A 232 -2.00 5.42 5.41
C PHE A 232 -0.86 6.44 5.45
N GLY A 233 0.38 5.95 5.54
CA GLY A 233 1.54 6.81 5.57
C GLY A 233 1.74 7.40 6.96
N LYS A 234 2.69 8.31 7.06
CA LYS A 234 3.09 8.91 8.31
C LYS A 234 2.24 10.12 8.71
N GLY A 235 1.25 9.87 9.53
CA GLY A 235 0.40 10.93 10.07
C GLY A 235 0.04 10.64 11.51
N ILE A 236 -0.98 11.32 12.01
CA ILE A 236 -1.47 11.09 13.37
C ILE A 236 -2.84 10.43 13.19
N TYR A 237 -3.00 9.24 13.77
CA TYR A 237 -4.16 8.38 13.60
C TYR A 237 -5.18 8.52 14.74
N PHE A 238 -6.46 8.55 14.40
CA PHE A 238 -7.56 8.67 15.34
C PHE A 238 -8.70 7.72 14.97
N ALA A 239 -9.55 7.44 15.97
CA ALA A 239 -10.71 6.59 15.75
C ALA A 239 -11.96 7.28 16.29
N ASP A 240 -13.13 6.91 15.77
CA ASP A 240 -14.41 7.36 16.34
C ASP A 240 -15.07 6.26 17.24
N MET A 241 -14.47 5.08 17.36
CA MET A 241 -14.93 4.00 18.21
C MET A 241 -13.93 3.88 19.37
N VAL A 242 -14.39 4.10 20.61
CA VAL A 242 -13.52 4.07 21.79
C VAL A 242 -12.67 2.79 21.90
N SER A 243 -13.24 1.63 21.59
CA SER A 243 -12.53 0.36 21.68
C SER A 243 -11.43 0.19 20.64
N LYS A 244 -11.59 0.81 19.47
CA LYS A 244 -10.54 0.76 18.43
C LYS A 244 -9.28 1.50 18.95
N SER A 245 -9.48 2.63 19.64
CA SER A 245 -8.39 3.35 20.25
C SER A 245 -7.90 2.68 21.53
N ALA A 246 -8.80 2.12 22.36
CA ALA A 246 -8.41 1.47 23.62
C ALA A 246 -7.54 0.22 23.40
N ASN A 247 -7.62 -0.41 22.20
CA ASN A 247 -6.73 -1.53 21.88
C ASN A 247 -5.26 -1.06 21.81
N TYR A 248 -5.04 0.23 21.45
CA TYR A 248 -3.71 0.83 21.39
C TYR A 248 -3.12 1.12 22.80
N CYS A 249 -3.91 0.97 23.90
CA CYS A 249 -3.38 1.12 25.27
C CYS A 249 -2.51 -0.08 25.66
N HIS A 250 -2.77 -1.25 25.08
CA HIS A 250 -2.02 -2.50 25.34
C HIS A 250 -2.10 -2.87 26.82
N THR A 251 -3.29 -2.75 27.39
CA THR A 251 -3.52 -3.10 28.78
C THR A 251 -3.72 -4.63 28.87
N SER A 252 -3.64 -5.18 30.09
CA SER A 252 -3.87 -6.61 30.32
C SER A 252 -4.40 -6.87 31.73
N GLN A 253 -4.69 -8.14 32.06
CA GLN A 253 -5.12 -8.54 33.40
C GLN A 253 -4.06 -8.12 34.45
N GLY A 254 -2.78 -8.17 34.09
CA GLY A 254 -1.71 -7.79 34.98
C GLY A 254 -1.38 -6.30 35.02
N ASP A 255 -2.11 -5.47 34.26
CA ASP A 255 -1.98 -3.99 34.19
C ASP A 255 -3.26 -3.45 33.53
N PRO A 256 -4.41 -3.49 34.23
CA PRO A 256 -5.69 -3.17 33.56
C PRO A 256 -6.09 -1.71 33.49
N ILE A 257 -5.17 -0.79 33.77
CA ILE A 257 -5.48 0.65 33.74
C ILE A 257 -4.84 1.30 32.55
N GLY A 258 -5.63 1.94 31.71
CA GLY A 258 -5.12 2.60 30.53
C GLY A 258 -5.50 4.06 30.40
N LEU A 259 -4.85 4.79 29.50
CA LEU A 259 -5.08 6.21 29.24
C LEU A 259 -5.48 6.42 27.78
N ILE A 260 -6.45 7.28 27.52
CA ILE A 260 -6.91 7.55 26.16
C ILE A 260 -7.19 9.04 26.00
N LEU A 261 -6.84 9.61 24.86
CA LEU A 261 -7.09 11.02 24.60
C LEU A 261 -8.36 11.22 23.80
N LEU A 262 -8.99 12.39 24.00
CA LEU A 262 -10.02 12.93 23.13
C LEU A 262 -9.37 14.20 22.56
N GLY A 263 -9.31 14.28 21.25
CA GLY A 263 -8.72 15.44 20.60
C GLY A 263 -9.65 16.05 19.59
N GLU A 264 -9.60 17.37 19.44
CA GLU A 264 -10.35 18.05 18.41
C GLU A 264 -9.45 18.01 17.18
N VAL A 265 -9.92 17.37 16.09
CA VAL A 265 -9.12 17.20 14.90
C VAL A 265 -9.77 17.95 13.73
N ALA A 266 -9.02 18.82 13.07
CA ALA A 266 -9.56 19.59 11.93
C ALA A 266 -9.38 18.74 10.67
N LEU A 267 -10.43 18.02 10.28
CA LEU A 267 -10.35 17.10 9.17
C LEU A 267 -10.53 17.76 7.82
N GLY A 268 -11.40 18.76 7.77
CA GLY A 268 -11.68 19.48 6.53
C GLY A 268 -12.13 18.55 5.42
N ASN A 269 -11.52 18.70 4.25
CA ASN A 269 -11.83 17.89 3.09
C ASN A 269 -11.11 16.55 3.21
N MET A 270 -11.87 15.49 3.51
CA MET A 270 -11.31 14.16 3.72
C MET A 270 -11.07 13.39 2.42
N TYR A 271 -9.93 12.74 2.35
CA TYR A 271 -9.56 11.89 1.22
C TYR A 271 -9.97 10.48 1.68
N GLU A 272 -11.05 9.97 1.12
CA GLU A 272 -11.63 8.70 1.57
C GLU A 272 -11.00 7.51 0.90
N LEU A 273 -10.47 6.58 1.69
CA LEU A 273 -9.76 5.40 1.22
C LEU A 273 -10.30 4.13 1.86
N LYS A 274 -10.23 2.99 1.15
CA LYS A 274 -10.75 1.71 1.65
C LYS A 274 -9.65 0.68 1.94
N HIS A 275 -8.43 0.91 1.41
CA HIS A 275 -7.28 -0.01 1.54
C HIS A 275 -6.00 0.81 1.71
N ALA A 276 -4.90 0.17 2.14
CA ALA A 276 -3.63 0.85 2.36
C ALA A 276 -3.17 1.77 1.24
N SER A 277 -2.63 2.90 1.61
CA SER A 277 -2.10 3.88 0.69
C SER A 277 -0.94 4.53 1.42
N HIS A 278 0.29 4.14 1.08
CA HIS A 278 1.47 4.63 1.79
C HIS A 278 1.90 5.96 1.25
N ILE A 279 1.06 6.97 1.46
CA ILE A 279 1.26 8.30 0.92
C ILE A 279 2.22 9.15 1.70
N SER A 280 2.96 9.97 0.99
CA SER A 280 3.88 10.93 1.56
C SER A 280 3.18 12.29 1.74
N LYS A 281 2.28 12.63 0.83
CA LYS A 281 1.54 13.89 0.84
C LYS A 281 0.09 13.63 0.46
N LEU A 282 -0.81 14.51 0.87
CA LEU A 282 -2.21 14.42 0.50
C LEU A 282 -2.42 14.99 -0.91
N PRO A 283 -3.44 14.51 -1.64
CA PRO A 283 -3.79 15.15 -2.92
C PRO A 283 -4.22 16.61 -2.67
N LYS A 284 -3.99 17.50 -3.64
CA LYS A 284 -4.31 18.91 -3.54
C LYS A 284 -5.74 19.19 -3.06
N GLY A 285 -5.89 20.08 -2.09
CA GLY A 285 -7.20 20.43 -1.57
C GLY A 285 -7.71 19.50 -0.47
N LYS A 286 -7.00 18.39 -0.20
CA LYS A 286 -7.40 17.46 0.87
C LYS A 286 -6.66 17.83 2.16
N HIS A 287 -7.31 17.68 3.30
CA HIS A 287 -6.72 18.02 4.60
C HIS A 287 -6.46 16.83 5.51
N SER A 288 -7.04 15.68 5.20
CA SER A 288 -6.90 14.49 6.01
C SER A 288 -7.26 13.26 5.19
N VAL A 289 -7.05 12.08 5.78
CA VAL A 289 -7.49 10.84 5.17
C VAL A 289 -8.55 10.26 6.09
N LYS A 290 -9.59 9.72 5.50
CA LYS A 290 -10.59 8.97 6.25
C LYS A 290 -10.56 7.54 5.68
N GLY A 291 -10.13 6.59 6.52
CA GLY A 291 -10.18 5.18 6.17
C GLY A 291 -11.60 4.74 6.47
N LEU A 292 -12.33 4.30 5.42
CA LEU A 292 -13.75 3.97 5.52
C LEU A 292 -13.97 2.63 6.14
N GLY A 293 -14.66 2.63 7.27
CA GLY A 293 -14.99 1.38 7.93
C GLY A 293 -16.34 0.86 7.50
N LYS A 294 -16.57 -0.45 7.69
CA LYS A 294 -17.86 -1.08 7.43
C LYS A 294 -18.91 -0.54 8.40
N THR A 295 -18.51 -0.26 9.64
CA THR A 295 -19.38 0.26 10.68
C THR A 295 -18.99 1.69 11.03
N THR A 296 -19.97 2.54 11.24
CA THR A 296 -19.76 3.92 11.60
C THR A 296 -20.75 4.29 12.73
N PRO A 297 -20.37 5.19 13.68
CA PRO A 297 -21.35 5.64 14.67
C PRO A 297 -22.55 6.29 13.96
N ASP A 298 -23.80 5.98 14.39
CA ASP A 298 -25.01 6.51 13.75
C ASP A 298 -24.93 8.03 13.49
N PRO A 299 -24.85 8.44 12.21
CA PRO A 299 -24.71 9.87 11.88
C PRO A 299 -25.84 10.73 12.42
N SER A 300 -27.04 10.16 12.63
CA SER A 300 -28.15 10.93 13.16
C SER A 300 -27.97 11.28 14.65
N ALA A 301 -27.14 10.51 15.39
CA ALA A 301 -26.93 10.75 16.81
C ALA A 301 -25.71 11.64 17.12
N ASN A 302 -25.14 12.32 16.12
CA ASN A 302 -24.01 13.22 16.33
C ASN A 302 -24.48 14.44 17.14
N ILE A 303 -23.70 14.85 18.13
CA ILE A 303 -24.01 16.02 18.95
C ILE A 303 -22.82 17.03 18.90
N SER A 304 -22.96 18.21 19.51
CA SER A 304 -21.92 19.21 19.49
C SER A 304 -21.40 19.53 20.90
N LEU A 305 -20.07 19.52 21.09
CA LEU A 305 -19.46 19.88 22.36
C LEU A 305 -18.51 21.05 22.09
N ASP A 306 -18.91 22.27 22.50
CA ASP A 306 -18.18 23.52 22.28
C ASP A 306 -17.90 23.78 20.78
N GLY A 307 -18.90 23.49 19.94
CA GLY A 307 -18.81 23.70 18.50
C GLY A 307 -18.14 22.58 17.73
N VAL A 308 -17.71 21.51 18.41
CA VAL A 308 -17.04 20.38 17.76
C VAL A 308 -18.00 19.21 17.66
N ASP A 309 -18.11 18.55 16.50
CA ASP A 309 -18.97 17.39 16.35
C ASP A 309 -18.44 16.17 17.12
N VAL A 310 -19.32 15.49 17.83
CA VAL A 310 -18.99 14.30 18.61
C VAL A 310 -19.78 13.12 18.06
N PRO A 311 -19.10 12.17 17.39
CA PRO A 311 -19.83 11.03 16.81
C PRO A 311 -20.08 9.93 17.83
N LEU A 312 -20.96 10.18 18.81
CA LEU A 312 -21.20 9.22 19.88
C LEU A 312 -22.37 8.26 19.64
N GLY A 313 -22.86 8.17 18.42
CA GLY A 313 -23.94 7.24 18.11
C GLY A 313 -23.47 5.80 18.18
N THR A 314 -24.40 4.86 18.41
CA THR A 314 -24.04 3.44 18.41
C THR A 314 -23.74 3.00 16.97
N GLY A 315 -22.88 2.00 16.84
CA GLY A 315 -22.44 1.51 15.53
C GLY A 315 -23.49 0.91 14.63
N ILE A 316 -23.52 1.39 13.38
CA ILE A 316 -24.42 0.91 12.33
C ILE A 316 -23.62 0.68 11.02
N SER A 317 -24.21 0.04 10.01
CA SER A 317 -23.54 -0.14 8.73
C SER A 317 -23.34 1.22 8.05
N SER A 318 -22.12 1.48 7.57
CA SER A 318 -21.84 2.68 6.80
C SER A 318 -22.37 2.57 5.34
N GLY A 319 -22.63 1.35 4.88
CA GLY A 319 -23.03 1.12 3.50
C GLY A 319 -21.84 0.99 2.56
N VAL A 320 -20.60 1.01 3.10
CA VAL A 320 -19.37 0.90 2.34
C VAL A 320 -19.01 -0.56 2.13
N ASN A 321 -18.88 -0.95 0.87
CA ASN A 321 -18.54 -2.33 0.53
C ASN A 321 -17.07 -2.43 0.13
N ASP A 322 -16.49 -3.62 0.35
CA ASP A 322 -15.12 -3.94 -0.04
C ASP A 322 -14.12 -2.95 0.55
N THR A 323 -14.05 -2.94 1.87
CA THR A 323 -13.10 -2.12 2.59
C THR A 323 -12.32 -3.03 3.50
N SER A 324 -11.03 -2.75 3.70
CA SER A 324 -10.21 -3.53 4.62
C SER A 324 -10.39 -3.12 6.09
N LEU A 325 -11.23 -2.10 6.36
CA LEU A 325 -11.42 -1.62 7.71
C LEU A 325 -12.79 -1.94 8.27
N LEU A 326 -12.81 -2.49 9.48
CA LEU A 326 -14.06 -2.73 10.17
C LEU A 326 -14.63 -1.42 10.67
N TYR A 327 -13.77 -0.52 11.14
CA TYR A 327 -14.17 0.76 11.72
C TYR A 327 -13.40 1.89 11.07
N ASN A 328 -13.94 3.10 11.16
CA ASN A 328 -13.30 4.29 10.59
C ASN A 328 -11.98 4.61 11.25
N GLU A 329 -11.16 5.33 10.53
CA GLU A 329 -9.94 5.90 11.06
C GLU A 329 -9.65 7.20 10.32
N TYR A 330 -9.11 8.13 11.04
CA TYR A 330 -8.84 9.46 10.53
C TYR A 330 -7.40 9.77 10.72
N ILE A 331 -6.78 10.34 9.68
CA ILE A 331 -5.37 10.66 9.73
C ILE A 331 -5.11 12.07 9.29
N VAL A 332 -4.34 12.82 10.07
CA VAL A 332 -3.91 14.16 9.66
C VAL A 332 -2.39 14.13 9.48
N TYR A 333 -1.90 14.98 8.61
CA TYR A 333 -0.48 14.98 8.26
C TYR A 333 0.24 16.27 8.61
N ASP A 334 -0.33 17.04 9.53
CA ASP A 334 0.20 18.27 10.03
C ASP A 334 -0.16 18.25 11.51
N ILE A 335 0.85 18.29 12.39
CA ILE A 335 0.63 18.26 13.84
C ILE A 335 -0.24 19.43 14.34
N ALA A 336 -0.31 20.53 13.59
CA ALA A 336 -1.10 21.70 13.98
C ALA A 336 -2.60 21.49 13.83
N GLN A 337 -3.04 20.41 13.16
CA GLN A 337 -4.46 20.09 12.97
C GLN A 337 -5.11 19.37 14.14
N VAL A 338 -4.40 19.25 15.28
CA VAL A 338 -4.86 18.53 16.45
C VAL A 338 -4.82 19.45 17.66
N ASN A 339 -5.90 19.50 18.41
CA ASN A 339 -5.95 20.23 19.66
C ASN A 339 -6.46 19.23 20.70
N LEU A 340 -5.57 18.69 21.53
CA LEU A 340 -5.96 17.74 22.59
C LEU A 340 -6.87 18.45 23.62
N LYS A 341 -8.00 17.83 23.94
CA LYS A 341 -8.99 18.41 24.83
C LYS A 341 -9.12 17.63 26.14
N TYR A 342 -9.19 16.30 26.05
CA TYR A 342 -9.36 15.48 27.27
C TYR A 342 -8.45 14.30 27.32
N LEU A 343 -8.19 13.85 28.55
CA LEU A 343 -7.44 12.64 28.84
C LEU A 343 -8.31 11.82 29.81
N LEU A 344 -8.59 10.58 29.46
CA LEU A 344 -9.41 9.68 30.27
C LEU A 344 -8.58 8.56 30.86
N LYS A 345 -8.81 8.23 32.14
CA LYS A 345 -8.17 7.09 32.79
C LYS A 345 -9.26 6.03 32.84
N LEU A 346 -9.01 4.88 32.20
CA LEU A 346 -10.00 3.81 32.08
C LEU A 346 -9.58 2.57 32.80
N LYS A 347 -10.54 1.85 33.34
CA LYS A 347 -10.27 0.55 33.94
C LYS A 347 -10.81 -0.47 32.93
N PHE A 348 -9.97 -1.41 32.52
CA PHE A 348 -10.36 -2.45 31.57
C PHE A 348 -10.72 -3.67 32.38
N ASN A 349 -11.95 -4.13 32.22
CA ASN A 349 -12.39 -5.33 32.90
C ASN A 349 -12.34 -6.42 31.84
N PHE A 350 -11.36 -7.31 31.89
CA PHE A 350 -11.25 -8.38 30.92
C PHE A 350 -12.21 -9.51 31.26
N LYS A 351 -12.92 -9.98 30.23
CA LYS A 351 -13.92 -11.07 30.29
C LYS A 351 -13.31 -12.45 29.95
N THR A 352 -12.05 -12.48 29.51
CA THR A 352 -11.30 -13.68 29.17
C THR A 352 -10.57 -14.26 30.40
N LYS B 3 -3.36 -20.14 -50.25
CA LYS B 3 -2.11 -19.72 -49.60
C LYS B 3 -2.13 -18.22 -49.34
N SER B 4 -1.81 -17.80 -48.10
CA SER B 4 -1.85 -16.42 -47.66
C SER B 4 -0.93 -15.46 -48.42
N LYS B 5 -1.48 -14.28 -48.73
CA LYS B 5 -0.80 -13.15 -49.36
C LYS B 5 -0.28 -12.12 -48.35
N LEU B 6 -0.53 -12.33 -47.03
CA LEU B 6 -0.03 -11.46 -45.98
C LEU B 6 1.51 -11.47 -46.02
N PRO B 7 2.15 -10.35 -45.68
CA PRO B 7 3.61 -10.34 -45.60
C PRO B 7 4.14 -11.44 -44.67
N LYS B 8 5.31 -12.03 -44.99
CA LYS B 8 5.91 -13.09 -44.19
C LYS B 8 6.11 -12.69 -42.71
N PRO B 9 6.55 -11.46 -42.34
CA PRO B 9 6.64 -11.13 -40.90
C PRO B 9 5.29 -11.17 -40.19
N VAL B 10 4.18 -10.85 -40.91
CA VAL B 10 2.83 -10.88 -40.33
C VAL B 10 2.35 -12.32 -40.16
N GLN B 11 2.68 -13.20 -41.12
CA GLN B 11 2.32 -14.62 -41.02
C GLN B 11 3.04 -15.26 -39.83
N ASP B 12 4.33 -14.94 -39.64
CA ASP B 12 5.12 -15.46 -38.53
C ASP B 12 4.58 -14.93 -37.18
N LEU B 13 4.08 -13.70 -37.15
CA LEU B 13 3.48 -13.14 -35.96
C LEU B 13 2.20 -13.91 -35.59
N ILE B 14 1.33 -14.19 -36.57
CA ILE B 14 0.07 -14.92 -36.38
C ILE B 14 0.31 -16.33 -35.86
N LYS B 15 1.30 -17.03 -36.44
CA LYS B 15 1.60 -18.40 -36.03
C LYS B 15 2.03 -18.48 -34.55
N MET B 16 2.90 -17.56 -34.18
CA MET B 16 3.47 -17.38 -32.85
C MET B 16 2.38 -17.09 -31.80
N ILE B 17 1.45 -16.19 -32.11
CA ILE B 17 0.34 -15.74 -31.25
C ILE B 17 -0.74 -16.82 -31.02
N PHE B 18 -0.99 -17.64 -32.03
CA PHE B 18 -2.04 -18.65 -31.94
C PHE B 18 -1.53 -20.07 -31.66
N ASP B 19 -0.26 -20.21 -31.26
CA ASP B 19 0.34 -21.49 -30.94
C ASP B 19 -0.25 -22.14 -29.66
N VAL B 20 -0.97 -23.25 -29.82
CA VAL B 20 -1.61 -23.96 -28.70
C VAL B 20 -0.58 -24.61 -27.77
N GLU B 21 0.53 -25.12 -28.33
CA GLU B 21 1.56 -25.73 -27.48
C GLU B 21 2.23 -24.67 -26.57
N SER B 22 2.33 -23.42 -27.02
CA SER B 22 2.87 -22.34 -26.18
C SER B 22 1.89 -22.03 -25.05
N MET B 23 0.57 -22.09 -25.30
CA MET B 23 -0.43 -21.85 -24.26
C MET B 23 -0.31 -22.93 -23.19
N LYS B 24 -0.12 -24.20 -23.61
CA LYS B 24 0.03 -25.32 -22.68
C LYS B 24 1.32 -25.16 -21.87
N LYS B 25 2.43 -24.77 -22.51
CA LYS B 25 3.68 -24.53 -21.79
C LYS B 25 3.54 -23.40 -20.73
N ALA B 26 2.79 -22.31 -21.02
CA ALA B 26 2.53 -21.24 -20.05
C ALA B 26 1.75 -21.79 -18.84
N MET B 27 0.82 -22.72 -19.08
CA MET B 27 0.08 -23.34 -17.99
C MET B 27 0.94 -24.29 -17.17
N VAL B 28 1.90 -25.00 -17.81
CA VAL B 28 2.86 -25.86 -17.11
C VAL B 28 3.78 -25.00 -16.23
N GLU B 29 4.19 -23.83 -16.72
CA GLU B 29 5.02 -22.87 -15.98
C GLU B 29 4.35 -22.44 -14.67
N TYR B 30 3.01 -22.37 -14.66
CA TYR B 30 2.25 -22.02 -13.46
C TYR B 30 1.98 -23.21 -12.55
N GLU B 31 2.55 -24.39 -12.85
CA GLU B 31 2.35 -25.65 -12.15
C GLU B 31 0.88 -26.07 -12.17
N ILE B 32 0.11 -25.68 -13.19
CA ILE B 32 -1.28 -26.09 -13.31
C ILE B 32 -1.32 -27.55 -13.80
N ASP B 33 -2.21 -28.36 -13.24
CA ASP B 33 -2.33 -29.75 -13.60
C ASP B 33 -3.06 -29.86 -14.92
N LEU B 34 -2.36 -30.08 -16.04
CA LEU B 34 -3.01 -30.17 -17.34
C LEU B 34 -3.77 -31.48 -17.57
N GLN B 35 -3.57 -32.47 -16.70
CA GLN B 35 -4.30 -33.72 -16.78
C GLN B 35 -5.70 -33.50 -16.19
N LYS B 36 -5.80 -32.78 -15.05
CA LYS B 36 -7.08 -32.50 -14.39
C LYS B 36 -7.77 -31.31 -15.04
N MET B 37 -7.00 -30.28 -15.43
CA MET B 37 -7.56 -29.11 -16.10
C MET B 37 -6.82 -28.72 -17.35
N PRO B 38 -7.12 -29.41 -18.47
CA PRO B 38 -6.51 -29.01 -19.74
C PRO B 38 -7.00 -27.64 -20.21
N LEU B 39 -6.32 -27.11 -21.22
CA LEU B 39 -6.62 -25.83 -21.83
C LEU B 39 -8.10 -25.67 -22.20
N GLY B 40 -8.70 -26.71 -22.78
CA GLY B 40 -10.10 -26.69 -23.20
C GLY B 40 -11.11 -26.59 -22.08
N LYS B 41 -10.71 -26.93 -20.85
CA LYS B 41 -11.61 -26.87 -19.72
C LYS B 41 -11.41 -25.62 -18.84
N LEU B 42 -10.48 -24.74 -19.21
CA LEU B 42 -10.24 -23.47 -18.57
C LEU B 42 -11.45 -22.58 -18.92
N SER B 43 -12.10 -22.00 -17.90
CA SER B 43 -13.26 -21.16 -18.15
C SER B 43 -13.15 -19.83 -17.45
N LYS B 44 -13.82 -18.80 -18.02
CA LYS B 44 -13.85 -17.46 -17.48
C LYS B 44 -14.46 -17.44 -16.07
N ARG B 45 -15.53 -18.19 -15.85
CA ARG B 45 -16.20 -18.24 -14.56
C ARG B 45 -15.33 -18.95 -13.50
N GLN B 46 -14.50 -19.92 -13.92
CA GLN B 46 -13.58 -20.57 -12.99
C GLN B 46 -12.55 -19.55 -12.52
N ILE B 47 -12.01 -18.74 -13.44
CA ILE B 47 -11.03 -17.73 -13.08
C ILE B 47 -11.62 -16.67 -12.16
N GLN B 48 -12.84 -16.21 -12.47
CA GLN B 48 -13.54 -15.22 -11.66
C GLN B 48 -13.80 -15.74 -10.24
N ALA B 49 -14.08 -17.04 -10.10
CA ALA B 49 -14.30 -17.64 -8.78
C ALA B 49 -12.99 -17.69 -7.97
N ALA B 50 -11.88 -17.94 -8.64
CA ALA B 50 -10.56 -17.95 -8.01
C ALA B 50 -10.20 -16.52 -7.52
N TYR B 51 -10.54 -15.48 -8.31
CA TYR B 51 -10.32 -14.10 -7.90
C TYR B 51 -11.12 -13.80 -6.62
N SER B 52 -12.36 -14.28 -6.56
CA SER B 52 -13.21 -14.09 -5.41
C SER B 52 -12.59 -14.74 -4.16
N ILE B 53 -11.91 -15.91 -4.28
CA ILE B 53 -11.23 -16.53 -3.14
C ILE B 53 -10.03 -15.66 -2.72
N LEU B 54 -9.28 -15.13 -3.70
CA LEU B 54 -8.15 -14.25 -3.42
C LEU B 54 -8.63 -12.99 -2.69
N SER B 55 -9.83 -12.46 -3.07
CA SER B 55 -10.45 -11.30 -2.40
C SER B 55 -10.89 -11.67 -0.99
N GLU B 56 -11.32 -12.93 -0.77
CA GLU B 56 -11.66 -13.39 0.57
C GLU B 56 -10.39 -13.45 1.44
N VAL B 57 -9.26 -13.92 0.86
CA VAL B 57 -7.97 -13.95 1.54
C VAL B 57 -7.56 -12.50 1.91
N GLN B 58 -7.71 -11.52 0.98
CA GLN B 58 -7.43 -10.11 1.23
C GLN B 58 -8.20 -9.59 2.48
N GLN B 59 -9.50 -9.86 2.49
CA GLN B 59 -10.42 -9.45 3.53
C GLN B 59 -10.04 -10.07 4.88
N ALA B 60 -9.67 -11.36 4.89
CA ALA B 60 -9.24 -12.08 6.09
C ALA B 60 -7.89 -11.53 6.63
N VAL B 61 -6.94 -11.23 5.73
CA VAL B 61 -5.63 -10.66 6.10
C VAL B 61 -5.84 -9.33 6.86
N SER B 62 -6.67 -8.44 6.30
CA SER B 62 -6.90 -7.13 6.91
C SER B 62 -7.68 -7.26 8.23
N GLN B 63 -8.70 -8.14 8.25
CA GLN B 63 -9.50 -8.47 9.42
C GLN B 63 -8.63 -8.89 10.61
N GLY B 64 -7.50 -9.53 10.33
CA GLY B 64 -6.60 -10.00 11.37
C GLY B 64 -7.21 -11.16 12.14
N SER B 65 -6.35 -11.98 12.76
CA SER B 65 -6.83 -13.14 13.54
C SER B 65 -7.69 -14.12 12.72
N SER B 66 -7.54 -14.12 11.40
CA SER B 66 -8.25 -15.06 10.54
C SER B 66 -7.22 -16.00 9.84
N ASP B 67 -6.04 -16.23 10.47
CA ASP B 67 -4.95 -17.02 9.91
C ASP B 67 -5.37 -18.48 9.60
N SER B 68 -6.21 -19.07 10.46
CA SER B 68 -6.76 -20.41 10.23
C SER B 68 -7.69 -20.36 9.00
N GLN B 69 -8.57 -19.34 8.91
CA GLN B 69 -9.46 -19.19 7.75
C GLN B 69 -8.68 -19.08 6.43
N ILE B 70 -7.56 -18.31 6.45
CA ILE B 70 -6.69 -18.09 5.30
C ILE B 70 -6.13 -19.41 4.74
N LEU B 71 -5.81 -20.34 5.65
CA LEU B 71 -5.35 -21.68 5.32
C LEU B 71 -6.41 -22.47 4.53
N ASP B 72 -7.67 -22.41 4.98
CA ASP B 72 -8.79 -23.07 4.30
C ASP B 72 -9.00 -22.42 2.92
N LEU B 73 -8.95 -21.09 2.85
CA LEU B 73 -9.10 -20.37 1.59
C LEU B 73 -7.98 -20.73 0.60
N SER B 74 -6.77 -20.96 1.11
CA SER B 74 -5.63 -21.33 0.29
C SER B 74 -5.88 -22.72 -0.28
N ASN B 75 -6.40 -23.68 0.52
CA ASN B 75 -6.71 -25.01 -0.01
C ASN B 75 -7.83 -24.93 -1.07
N ARG B 76 -8.82 -24.02 -0.87
CA ARG B 76 -9.93 -23.74 -1.78
C ARG B 76 -9.40 -23.28 -3.13
N PHE B 77 -8.41 -22.37 -3.12
CA PHE B 77 -7.80 -21.87 -4.35
C PHE B 77 -7.22 -23.01 -5.20
N TYR B 78 -6.46 -23.92 -4.56
CA TYR B 78 -5.84 -25.08 -5.21
C TYR B 78 -6.81 -26.21 -5.61
N THR B 79 -8.03 -26.15 -5.13
CA THR B 79 -9.08 -27.08 -5.50
C THR B 79 -9.80 -26.54 -6.75
N LEU B 80 -9.98 -25.21 -6.81
CA LEU B 80 -10.62 -24.54 -7.92
C LEU B 80 -9.72 -24.54 -9.16
N ILE B 81 -8.43 -24.22 -9.01
CA ILE B 81 -7.45 -24.27 -10.10
C ILE B 81 -6.53 -25.43 -9.73
N PRO B 82 -6.71 -26.65 -10.27
CA PRO B 82 -5.83 -27.76 -9.84
C PRO B 82 -4.37 -27.56 -10.24
N HIS B 83 -3.48 -27.74 -9.28
CA HIS B 83 -2.05 -27.59 -9.49
C HIS B 83 -1.36 -28.97 -9.36
N ASP B 84 -0.18 -29.10 -9.96
CA ASP B 84 0.61 -30.32 -9.86
C ASP B 84 2.03 -29.96 -9.39
N PHE B 85 2.24 -29.95 -8.07
CA PHE B 85 3.56 -29.64 -7.52
C PHE B 85 4.40 -30.90 -7.21
N GLY B 86 4.07 -32.04 -7.84
CA GLY B 86 4.81 -33.28 -7.62
C GLY B 86 4.83 -33.71 -6.16
N MET B 87 6.02 -33.76 -5.56
CA MET B 87 6.13 -34.13 -4.14
C MET B 87 6.31 -32.92 -3.23
N LYS B 88 6.11 -31.70 -3.75
CA LYS B 88 6.29 -30.49 -2.96
C LYS B 88 4.95 -29.92 -2.53
N LYS B 89 4.95 -29.19 -1.43
CA LYS B 89 3.75 -28.50 -0.99
C LYS B 89 3.62 -27.26 -1.88
N PRO B 90 2.39 -26.94 -2.33
CA PRO B 90 2.18 -25.69 -3.08
C PRO B 90 2.35 -24.46 -2.18
N PRO B 91 2.68 -23.28 -2.75
CA PRO B 91 2.84 -22.09 -1.89
C PRO B 91 1.57 -21.74 -1.14
N LEU B 92 1.71 -21.55 0.16
CA LEU B 92 0.62 -21.18 1.02
C LEU B 92 0.19 -19.76 0.68
N LEU B 93 -1.09 -19.52 0.49
CA LEU B 93 -1.59 -18.18 0.17
C LEU B 93 -1.93 -17.43 1.44
N ASN B 94 -0.94 -17.27 2.33
CA ASN B 94 -1.09 -16.62 3.63
C ASN B 94 -0.50 -15.20 3.72
N ASN B 95 0.18 -14.74 2.65
CA ASN B 95 0.79 -13.41 2.64
C ASN B 95 0.47 -12.62 1.37
N ALA B 96 0.60 -11.28 1.45
CA ALA B 96 0.33 -10.39 0.33
C ALA B 96 1.07 -10.77 -0.94
N ASP B 97 2.34 -11.18 -0.86
CA ASP B 97 3.13 -11.58 -2.02
C ASP B 97 2.57 -12.78 -2.77
N SER B 98 2.10 -13.80 -2.04
CA SER B 98 1.50 -15.00 -2.62
C SER B 98 0.18 -14.64 -3.29
N VAL B 99 -0.62 -13.75 -2.68
CA VAL B 99 -1.89 -13.30 -3.23
C VAL B 99 -1.64 -12.57 -4.54
N GLN B 100 -0.65 -11.68 -4.54
CA GLN B 100 -0.30 -10.90 -5.72
C GLN B 100 0.18 -11.81 -6.84
N ALA B 101 0.99 -12.82 -6.52
CA ALA B 101 1.48 -13.76 -7.54
C ALA B 101 0.30 -14.52 -8.17
N LYS B 102 -0.71 -14.95 -7.36
CA LYS B 102 -1.87 -15.65 -7.90
C LYS B 102 -2.78 -14.72 -8.70
N ALA B 103 -2.92 -13.44 -8.28
CA ALA B 103 -3.75 -12.49 -9.05
C ALA B 103 -3.12 -12.25 -10.43
N GLU B 104 -1.79 -12.18 -10.48
CA GLU B 104 -1.06 -12.02 -11.72
C GLU B 104 -1.23 -13.23 -12.63
N MET B 105 -1.21 -14.46 -12.07
CA MET B 105 -1.44 -15.68 -12.86
C MET B 105 -2.88 -15.66 -13.45
N LEU B 106 -3.89 -15.32 -12.62
CA LEU B 106 -5.26 -15.29 -13.09
C LEU B 106 -5.46 -14.30 -14.22
N ASP B 107 -4.83 -13.10 -14.14
CA ASP B 107 -4.89 -12.09 -15.22
C ASP B 107 -4.41 -12.73 -16.55
N ASN B 108 -3.29 -13.49 -16.50
CA ASN B 108 -2.76 -14.16 -17.68
C ASN B 108 -3.68 -15.26 -18.19
N LEU B 109 -4.32 -16.00 -17.27
CA LEU B 109 -5.29 -17.03 -17.60
C LEU B 109 -6.46 -16.44 -18.39
N LEU B 110 -6.89 -15.21 -18.03
CA LEU B 110 -7.96 -14.54 -18.78
C LEU B 110 -7.61 -14.29 -20.25
N ASP B 111 -6.34 -13.94 -20.57
CA ASP B 111 -5.93 -13.71 -21.95
C ASP B 111 -5.77 -15.05 -22.68
N ILE B 112 -5.24 -16.08 -21.99
CA ILE B 112 -5.08 -17.41 -22.58
C ILE B 112 -6.45 -18.02 -22.93
N GLU B 113 -7.42 -17.87 -22.01
CA GLU B 113 -8.78 -18.36 -22.24
C GLU B 113 -9.40 -17.66 -23.48
N VAL B 114 -9.19 -16.33 -23.70
CA VAL B 114 -9.67 -15.58 -24.88
C VAL B 114 -9.03 -16.16 -26.15
N ALA B 115 -7.70 -16.37 -26.17
CA ALA B 115 -7.03 -16.91 -27.35
C ALA B 115 -7.57 -18.27 -27.73
N TYR B 116 -7.75 -19.15 -26.74
CA TYR B 116 -8.25 -20.49 -27.01
C TYR B 116 -9.70 -20.47 -27.47
N SER B 117 -10.55 -19.61 -26.85
CA SER B 117 -11.95 -19.53 -27.26
C SER B 117 -12.11 -18.88 -28.66
N LEU B 118 -11.17 -17.99 -29.02
CA LEU B 118 -11.15 -17.34 -30.34
C LEU B 118 -10.85 -18.39 -31.41
N LEU B 119 -9.87 -19.27 -31.11
CA LEU B 119 -9.45 -20.40 -31.94
C LEU B 119 -10.60 -21.46 -32.11
N ARG B 120 -11.57 -21.49 -31.20
CA ARG B 120 -12.71 -22.42 -31.28
C ARG B 120 -14.06 -21.74 -31.60
N GLY B 121 -14.03 -20.48 -32.00
CA GLY B 121 -15.25 -19.74 -32.33
C GLY B 121 -15.28 -19.24 -33.75
N GLY B 122 -16.28 -18.43 -34.06
CA GLY B 122 -16.45 -17.86 -35.41
C GLY B 122 -17.04 -18.83 -36.41
N SER B 123 -16.48 -18.83 -37.63
CA SER B 123 -16.90 -19.70 -38.74
C SER B 123 -15.75 -20.58 -39.25
N ASP B 124 -16.07 -21.75 -39.80
CA ASP B 124 -15.06 -22.70 -40.29
C ASP B 124 -15.07 -22.76 -41.80
N ASP B 125 -13.91 -22.49 -42.42
CA ASP B 125 -13.76 -22.54 -43.87
C ASP B 125 -12.42 -23.17 -44.27
N SER B 126 -12.47 -24.43 -44.73
CA SER B 126 -11.33 -25.23 -45.16
C SER B 126 -10.60 -24.62 -46.36
N SER B 127 -11.33 -23.91 -47.23
CA SER B 127 -10.76 -23.32 -48.44
C SER B 127 -9.80 -22.16 -48.19
N LYS B 128 -9.82 -21.58 -46.98
CA LYS B 128 -8.92 -20.49 -46.64
C LYS B 128 -7.69 -21.00 -45.89
N ASP B 129 -6.55 -20.30 -46.03
CA ASP B 129 -5.32 -20.58 -45.31
C ASP B 129 -5.59 -20.27 -43.83
N PRO B 130 -5.21 -21.17 -42.92
CA PRO B 130 -5.46 -20.94 -41.48
C PRO B 130 -4.85 -19.66 -40.93
N ILE B 131 -3.71 -19.20 -41.49
CA ILE B 131 -3.09 -17.94 -41.09
C ILE B 131 -4.03 -16.77 -41.37
N ASP B 132 -4.71 -16.77 -42.55
CA ASP B 132 -5.66 -15.71 -42.93
C ASP B 132 -6.89 -15.77 -42.02
N VAL B 133 -7.38 -16.98 -41.72
CA VAL B 133 -8.52 -17.20 -40.84
C VAL B 133 -8.21 -16.67 -39.45
N ASN B 134 -7.04 -17.01 -38.90
CA ASN B 134 -6.62 -16.54 -37.57
C ASN B 134 -6.36 -15.03 -37.54
N TYR B 135 -5.84 -14.47 -38.63
CA TYR B 135 -5.60 -13.04 -38.73
C TYR B 135 -6.91 -12.24 -38.61
N GLU B 136 -7.97 -12.71 -39.27
CA GLU B 136 -9.26 -12.01 -39.21
C GLU B 136 -9.91 -12.09 -37.83
N LYS B 137 -9.61 -13.12 -37.04
CA LYS B 137 -10.16 -13.23 -35.68
C LYS B 137 -9.66 -12.10 -34.76
N LEU B 138 -8.47 -11.54 -35.03
CA LEU B 138 -7.91 -10.47 -34.21
C LEU B 138 -8.61 -9.14 -34.38
N LYS B 139 -9.30 -8.92 -35.50
CA LYS B 139 -10.00 -7.68 -35.84
C LYS B 139 -9.07 -6.49 -35.70
N THR B 140 -7.82 -6.65 -36.18
CA THR B 140 -6.76 -5.68 -36.07
C THR B 140 -6.04 -5.64 -37.39
N ASP B 141 -5.87 -4.44 -37.93
CA ASP B 141 -5.11 -4.27 -39.15
C ASP B 141 -3.63 -4.26 -38.72
N ILE B 142 -2.82 -5.16 -39.28
CA ILE B 142 -1.42 -5.23 -38.92
C ILE B 142 -0.58 -4.97 -40.14
N LYS B 143 0.25 -3.93 -40.12
CA LYS B 143 1.16 -3.65 -41.24
C LYS B 143 2.61 -3.67 -40.77
N VAL B 144 3.54 -3.99 -41.66
CA VAL B 144 4.95 -4.01 -41.34
C VAL B 144 5.52 -2.59 -41.54
N VAL B 145 6.17 -2.04 -40.52
CA VAL B 145 6.79 -0.74 -40.63
C VAL B 145 8.15 -0.95 -41.31
N ASP B 146 8.45 -0.15 -42.35
CA ASP B 146 9.71 -0.24 -43.09
C ASP B 146 10.90 0.12 -42.20
N ARG B 147 11.90 -0.77 -42.13
CA ARG B 147 13.13 -0.59 -41.35
C ARG B 147 13.82 0.77 -41.56
N ASP B 148 13.69 1.37 -42.75
CA ASP B 148 14.35 2.64 -43.04
C ASP B 148 13.47 3.87 -42.88
N SER B 149 12.21 3.70 -42.42
CA SER B 149 11.31 4.83 -42.23
C SER B 149 11.71 5.66 -40.99
N GLU B 150 11.20 6.90 -40.92
CA GLU B 150 11.44 7.81 -39.81
C GLU B 150 10.88 7.24 -38.48
N GLU B 151 9.69 6.61 -38.52
CA GLU B 151 9.11 6.03 -37.31
C GLU B 151 9.91 4.82 -36.82
N ALA B 152 10.53 4.04 -37.75
CA ALA B 152 11.34 2.89 -37.34
C ALA B 152 12.63 3.30 -36.63
N GLU B 153 13.23 4.41 -37.07
CA GLU B 153 14.43 4.97 -36.46
C GLU B 153 14.13 5.47 -35.06
N ILE B 154 12.97 6.11 -34.87
CA ILE B 154 12.58 6.60 -33.55
C ILE B 154 12.30 5.43 -32.60
N ILE B 155 11.62 4.41 -33.11
CA ILE B 155 11.30 3.23 -32.30
C ILE B 155 12.58 2.50 -31.88
N ARG B 156 13.52 2.30 -32.81
CA ARG B 156 14.80 1.67 -32.49
C ARG B 156 15.62 2.46 -31.47
N LYS B 157 15.58 3.81 -31.54
CA LYS B 157 16.25 4.68 -30.60
C LYS B 157 15.65 4.54 -29.19
N TYR B 158 14.31 4.47 -29.09
CA TYR B 158 13.60 4.27 -27.84
C TYR B 158 14.07 2.94 -27.18
N VAL B 159 14.21 1.86 -27.97
CA VAL B 159 14.69 0.55 -27.49
C VAL B 159 16.15 0.64 -27.04
N LYS B 160 16.99 1.26 -27.87
CA LYS B 160 18.43 1.41 -27.65
C LYS B 160 18.75 2.26 -26.40
N ASN B 161 17.99 3.33 -26.16
CA ASN B 161 18.29 4.25 -25.07
C ASN B 161 17.70 3.95 -23.72
N THR B 162 16.65 3.12 -23.65
CA THR B 162 15.97 2.90 -22.40
C THR B 162 16.11 1.49 -21.84
N HIS B 163 17.23 0.80 -22.14
CA HIS B 163 17.49 -0.49 -21.53
C HIS B 163 18.28 -0.18 -20.25
N ALA B 164 17.68 -0.41 -19.07
CA ALA B 164 18.34 -0.15 -17.79
C ALA B 164 19.55 -1.06 -17.53
N THR B 165 20.60 -0.53 -16.84
CA THR B 165 21.82 -1.28 -16.50
C THR B 165 21.50 -2.41 -15.54
N THR B 166 20.54 -2.21 -14.63
CA THR B 166 20.10 -3.26 -13.70
C THR B 166 19.38 -4.44 -14.39
N HIS B 167 19.05 -4.32 -15.69
CA HIS B 167 18.42 -5.40 -16.46
C HIS B 167 19.41 -5.94 -17.51
N ASN B 168 20.70 -6.02 -17.14
CA ASN B 168 21.75 -6.42 -18.07
C ASN B 168 21.94 -7.92 -18.24
N ALA B 169 21.04 -8.76 -17.70
CA ALA B 169 21.12 -10.21 -17.92
C ALA B 169 20.85 -10.56 -19.42
N TYR B 170 20.25 -9.64 -20.18
CA TYR B 170 19.96 -9.82 -21.60
C TYR B 170 20.15 -8.53 -22.38
N ASP B 171 20.28 -8.68 -23.70
CA ASP B 171 20.40 -7.66 -24.75
C ASP B 171 19.12 -7.73 -25.62
N LEU B 172 18.66 -6.60 -26.19
CA LEU B 172 17.48 -6.61 -27.06
C LEU B 172 17.81 -6.23 -28.48
N GLU B 173 17.21 -6.96 -29.43
CA GLU B 173 17.37 -6.68 -30.86
C GLU B 173 15.97 -6.61 -31.46
N VAL B 174 15.64 -5.51 -32.15
CA VAL B 174 14.32 -5.36 -32.75
C VAL B 174 14.29 -6.17 -34.04
N ILE B 175 13.41 -7.16 -34.15
CA ILE B 175 13.30 -7.96 -35.37
C ILE B 175 12.28 -7.32 -36.34
N ASP B 176 11.04 -7.12 -35.90
CA ASP B 176 10.01 -6.53 -36.72
C ASP B 176 9.25 -5.47 -35.95
N ILE B 177 8.83 -4.44 -36.65
CA ILE B 177 7.99 -3.39 -36.11
C ILE B 177 6.68 -3.46 -36.89
N PHE B 178 5.57 -3.61 -36.19
CA PHE B 178 4.25 -3.67 -36.79
C PHE B 178 3.45 -2.46 -36.35
N LYS B 179 2.70 -1.89 -37.26
CA LYS B 179 1.78 -0.80 -36.99
C LYS B 179 0.43 -1.53 -36.83
N ILE B 180 -0.24 -1.31 -35.70
CA ILE B 180 -1.48 -2.02 -35.41
C ILE B 180 -2.63 -1.07 -35.21
N GLU B 181 -3.80 -1.50 -35.67
CA GLU B 181 -5.01 -0.72 -35.57
C GLU B 181 -6.14 -1.66 -35.20
N ARG B 182 -6.45 -1.73 -33.91
CA ARG B 182 -7.53 -2.56 -33.40
C ARG B 182 -8.83 -1.92 -33.85
N GLU B 183 -9.74 -2.71 -34.41
CA GLU B 183 -11.02 -2.18 -34.88
C GLU B 183 -11.82 -1.55 -33.71
N GLY B 184 -12.34 -0.35 -33.94
CA GLY B 184 -13.12 0.41 -32.96
C GLY B 184 -12.33 1.14 -31.88
N GLU B 185 -11.02 0.88 -31.75
CA GLU B 185 -10.21 1.49 -30.70
C GLU B 185 -10.00 2.99 -30.87
N CYS B 186 -9.78 3.44 -32.10
CA CYS B 186 -9.60 4.86 -32.37
C CYS B 186 -10.88 5.64 -32.01
N GLN B 187 -12.05 5.05 -32.30
CA GLN B 187 -13.37 5.61 -31.98
C GLN B 187 -13.54 5.71 -30.45
N ARG B 188 -13.12 4.67 -29.73
CA ARG B 188 -13.19 4.60 -28.28
C ARG B 188 -12.26 5.65 -27.62
N TYR B 189 -11.12 5.90 -28.24
CA TYR B 189 -10.11 6.83 -27.77
C TYR B 189 -10.47 8.31 -27.97
N LYS B 190 -11.42 8.64 -28.88
CA LYS B 190 -11.83 10.01 -29.22
C LYS B 190 -11.94 11.00 -28.03
N PRO B 191 -12.66 10.72 -26.91
CA PRO B 191 -12.72 11.71 -25.81
C PRO B 191 -11.37 12.08 -25.18
N PHE B 192 -10.35 11.26 -25.40
CA PHE B 192 -9.02 11.46 -24.85
C PHE B 192 -7.95 11.87 -25.88
N LYS B 193 -8.30 11.92 -27.18
CA LYS B 193 -7.36 12.18 -28.27
C LYS B 193 -6.70 13.56 -28.22
N GLN B 194 -7.25 14.50 -27.45
CA GLN B 194 -6.67 15.83 -27.32
C GLN B 194 -6.26 16.18 -25.90
N LEU B 195 -6.40 15.23 -24.94
CA LEU B 195 -6.00 15.39 -23.54
C LEU B 195 -4.52 15.72 -23.47
N HIS B 196 -4.13 16.52 -22.49
CA HIS B 196 -2.71 16.87 -22.35
C HIS B 196 -1.94 15.67 -21.83
N ASN B 197 -0.63 15.68 -22.04
CA ASN B 197 0.26 14.65 -21.54
C ASN B 197 0.02 13.27 -22.16
N ARG B 198 -0.10 13.21 -23.49
CA ARG B 198 -0.26 11.93 -24.19
C ARG B 198 1.16 11.42 -24.48
N ARG B 199 1.51 10.21 -23.99
CA ARG B 199 2.85 9.66 -24.17
C ARG B 199 2.81 8.31 -24.86
N LEU B 200 3.90 7.94 -25.55
CA LEU B 200 4.06 6.67 -26.20
C LEU B 200 4.83 5.84 -25.21
N LEU B 201 4.15 4.84 -24.62
CA LEU B 201 4.74 4.05 -23.56
C LEU B 201 4.75 2.58 -23.89
N TRP B 202 5.59 1.82 -23.21
CA TRP B 202 5.75 0.39 -23.41
C TRP B 202 4.77 -0.43 -22.57
N HIS B 203 4.41 -1.59 -23.11
CA HIS B 203 3.64 -2.59 -22.38
C HIS B 203 4.07 -3.95 -22.89
N GLY B 204 4.77 -4.69 -22.06
CA GLY B 204 5.21 -6.03 -22.39
C GLY B 204 4.27 -7.07 -21.82
N SER B 205 4.20 -8.21 -22.49
CA SER B 205 3.35 -9.31 -22.04
C SER B 205 3.86 -10.62 -22.62
N ARG B 206 3.43 -11.76 -22.06
CA ARG B 206 3.83 -13.06 -22.61
C ARG B 206 3.20 -13.24 -24.00
N THR B 207 3.88 -13.97 -24.89
CA THR B 207 3.40 -14.21 -26.26
C THR B 207 1.97 -14.79 -26.28
N THR B 208 1.67 -15.64 -25.28
CA THR B 208 0.37 -16.24 -25.09
C THR B 208 -0.76 -15.27 -24.73
N ASN B 209 -0.45 -13.99 -24.47
CA ASN B 209 -1.46 -12.96 -24.16
C ASN B 209 -1.87 -12.13 -25.38
N PHE B 210 -1.04 -12.11 -26.43
CA PHE B 210 -1.20 -11.23 -27.57
C PHE B 210 -2.42 -11.51 -28.44
N ALA B 211 -2.94 -12.75 -28.52
CA ALA B 211 -4.19 -12.95 -29.28
C ALA B 211 -5.34 -12.25 -28.51
N GLY B 212 -5.32 -12.35 -27.18
CA GLY B 212 -6.29 -11.69 -26.32
C GLY B 212 -6.12 -10.18 -26.33
N ILE B 213 -4.89 -9.68 -26.30
CA ILE B 213 -4.62 -8.25 -26.34
C ILE B 213 -5.05 -7.65 -27.69
N LEU B 214 -4.68 -8.28 -28.83
CA LEU B 214 -5.08 -7.71 -30.14
C LEU B 214 -6.59 -7.80 -30.34
N SER B 215 -7.21 -8.90 -29.89
CA SER B 215 -8.65 -9.11 -29.96
C SER B 215 -9.47 -8.17 -29.05
N GLN B 216 -9.14 -8.10 -27.77
CA GLN B 216 -9.92 -7.35 -26.78
C GLN B 216 -9.29 -6.05 -26.25
N GLY B 217 -8.04 -5.81 -26.59
CA GLY B 217 -7.30 -4.65 -26.13
C GLY B 217 -6.70 -4.87 -24.76
N LEU B 218 -6.02 -3.86 -24.24
CA LEU B 218 -5.50 -3.95 -22.86
C LEU B 218 -6.70 -3.76 -21.94
N ARG B 219 -6.82 -4.63 -20.94
CA ARG B 219 -7.96 -4.64 -20.05
C ARG B 219 -7.51 -4.54 -18.59
N ILE B 220 -8.42 -4.10 -17.75
CA ILE B 220 -8.17 -3.96 -16.31
C ILE B 220 -8.66 -5.24 -15.63
N ALA B 221 -8.03 -5.67 -14.53
CA ALA B 221 -8.49 -6.86 -13.79
C ALA B 221 -9.99 -6.71 -13.39
N PRO B 222 -10.76 -7.81 -13.38
CA PRO B 222 -12.20 -7.69 -13.11
C PRO B 222 -12.56 -7.24 -11.70
N PRO B 223 -13.83 -6.84 -11.47
CA PRO B 223 -14.21 -6.40 -10.11
C PRO B 223 -13.94 -7.44 -9.03
N GLU B 224 -13.95 -8.73 -9.39
CA GLU B 224 -13.69 -9.83 -8.42
C GLU B 224 -12.27 -9.88 -7.92
N ALA B 225 -11.31 -9.30 -8.67
CA ALA B 225 -9.91 -9.32 -8.31
C ALA B 225 -9.62 -8.47 -7.09
N PRO B 226 -8.68 -8.90 -6.22
CA PRO B 226 -8.38 -8.09 -5.03
C PRO B 226 -7.54 -6.86 -5.39
N VAL B 227 -7.98 -5.65 -5.00
CA VAL B 227 -7.24 -4.42 -5.30
C VAL B 227 -5.82 -4.42 -4.68
N THR B 228 -5.66 -5.08 -3.51
CA THR B 228 -4.36 -5.17 -2.86
C THR B 228 -3.36 -6.05 -3.60
N GLY B 229 -3.80 -6.80 -4.61
CA GLY B 229 -2.89 -7.60 -5.41
C GLY B 229 -2.17 -6.79 -6.47
N TYR B 230 -2.42 -5.48 -6.55
CA TYR B 230 -1.82 -4.62 -7.58
C TYR B 230 -1.30 -3.37 -6.90
N MET B 231 -0.02 -3.03 -7.16
CA MET B 231 0.68 -1.94 -6.51
C MET B 231 -0.08 -0.62 -6.47
N PHE B 232 -0.67 -0.23 -7.60
CA PHE B 232 -1.43 1.00 -7.71
C PHE B 232 -2.89 0.73 -8.03
N GLY B 233 -3.43 -0.39 -7.56
CA GLY B 233 -4.82 -0.73 -7.84
C GLY B 233 -4.99 -1.31 -9.24
N LYS B 234 -6.24 -1.54 -9.60
CA LYS B 234 -6.57 -2.19 -10.86
C LYS B 234 -6.65 -1.23 -12.05
N GLY B 235 -5.56 -1.14 -12.78
CA GLY B 235 -5.51 -0.33 -13.99
C GLY B 235 -4.70 -1.02 -15.05
N ILE B 236 -4.27 -0.27 -16.06
CA ILE B 236 -3.42 -0.76 -17.12
C ILE B 236 -2.07 -0.08 -16.91
N TYR B 237 -1.03 -0.88 -16.76
CA TYR B 237 0.31 -0.47 -16.40
C TYR B 237 1.25 -0.33 -17.60
N PHE B 238 2.02 0.75 -17.63
CA PHE B 238 2.99 1.05 -18.69
C PHE B 238 4.33 1.51 -18.10
N ALA B 239 5.38 1.41 -18.90
CA ALA B 239 6.71 1.87 -18.50
C ALA B 239 7.34 2.69 -19.60
N ASP B 240 8.23 3.61 -19.24
CA ASP B 240 8.99 4.40 -20.22
C ASP B 240 10.40 3.81 -20.47
N MET B 241 10.77 2.71 -19.79
CA MET B 241 12.04 1.99 -19.99
C MET B 241 11.71 0.66 -20.66
N VAL B 242 12.23 0.43 -21.88
CA VAL B 242 11.93 -0.79 -22.63
C VAL B 242 12.20 -2.09 -21.85
N SER B 243 13.29 -2.15 -21.07
CA SER B 243 13.65 -3.34 -20.30
C SER B 243 12.71 -3.60 -19.13
N LYS B 244 12.10 -2.57 -18.57
CA LYS B 244 11.13 -2.74 -17.49
C LYS B 244 9.89 -3.47 -18.05
N SER B 245 9.45 -3.10 -19.24
CA SER B 245 8.36 -3.77 -19.91
C SER B 245 8.77 -5.14 -20.47
N ALA B 246 10.00 -5.27 -21.03
CA ALA B 246 10.48 -6.52 -21.59
C ALA B 246 10.60 -7.64 -20.53
N ASN B 247 10.75 -7.27 -19.23
CA ASN B 247 10.78 -8.29 -18.18
C ASN B 247 9.40 -8.98 -18.08
N TYR B 248 8.31 -8.26 -18.44
CA TYR B 248 6.95 -8.81 -18.43
C TYR B 248 6.69 -9.77 -19.60
N CYS B 249 7.64 -9.92 -20.58
CA CYS B 249 7.53 -10.92 -21.66
C CYS B 249 7.80 -12.33 -21.13
N HIS B 250 8.61 -12.45 -20.05
CA HIS B 250 9.01 -13.72 -19.45
C HIS B 250 9.63 -14.68 -20.47
N THR B 251 10.51 -14.15 -21.30
CA THR B 251 11.23 -14.92 -22.31
C THR B 251 12.30 -15.74 -21.60
N SER B 252 12.48 -16.95 -22.06
CA SER B 252 13.42 -17.90 -21.48
C SER B 252 14.56 -18.17 -22.49
N GLN B 253 15.52 -19.03 -22.13
CA GLN B 253 16.60 -19.39 -23.04
C GLN B 253 16.06 -20.28 -24.18
N GLY B 254 15.08 -21.14 -23.86
CA GLY B 254 14.44 -22.03 -24.83
C GLY B 254 13.31 -21.40 -25.65
N ASP B 255 13.09 -20.08 -25.47
CA ASP B 255 12.08 -19.25 -26.15
C ASP B 255 12.52 -17.79 -26.01
N PRO B 256 13.58 -17.39 -26.76
CA PRO B 256 14.11 -16.02 -26.60
C PRO B 256 13.42 -14.93 -27.42
N ILE B 257 12.24 -15.18 -27.96
CA ILE B 257 11.55 -14.20 -28.78
C ILE B 257 10.36 -13.66 -28.01
N GLY B 258 10.29 -12.36 -27.86
CA GLY B 258 9.20 -11.72 -27.13
C GLY B 258 8.48 -10.65 -27.93
N LEU B 259 7.29 -10.24 -27.45
CA LEU B 259 6.47 -9.21 -28.06
C LEU B 259 6.22 -8.08 -27.05
N ILE B 260 6.30 -6.84 -27.52
CA ILE B 260 6.09 -5.68 -26.67
C ILE B 260 5.29 -4.63 -27.42
N LEU B 261 4.36 -3.98 -26.75
CA LEU B 261 3.55 -2.94 -27.37
C LEU B 261 4.10 -1.57 -27.10
N LEU B 262 3.82 -0.64 -28.03
CA LEU B 262 3.98 0.78 -27.85
C LEU B 262 2.54 1.30 -27.96
N GLY B 263 2.09 1.99 -26.93
CA GLY B 263 0.75 2.53 -26.93
C GLY B 263 0.73 4.01 -26.64
N GLU B 264 -0.21 4.72 -27.24
CA GLU B 264 -0.40 6.12 -26.94
C GLU B 264 -1.32 6.15 -25.72
N VAL B 265 -0.86 6.70 -24.62
CA VAL B 265 -1.62 6.71 -23.37
C VAL B 265 -1.97 8.15 -22.99
N ALA B 266 -3.27 8.45 -22.77
CA ALA B 266 -3.70 9.80 -22.39
C ALA B 266 -3.60 9.92 -20.88
N LEU B 267 -2.48 10.46 -20.40
CA LEU B 267 -2.21 10.53 -18.97
C LEU B 267 -2.89 11.70 -18.29
N GLY B 268 -2.96 12.84 -18.99
CA GLY B 268 -3.57 14.03 -18.42
C GLY B 268 -2.93 14.46 -17.12
N ASN B 269 -3.75 14.75 -16.13
CA ASN B 269 -3.29 15.17 -14.81
C ASN B 269 -2.86 13.94 -14.02
N MET B 270 -1.54 13.76 -13.86
CA MET B 270 -0.99 12.59 -13.18
C MET B 270 -0.98 12.72 -11.66
N TYR B 271 -1.37 11.65 -10.98
CA TYR B 271 -1.35 11.57 -9.54
C TYR B 271 -0.02 10.88 -9.23
N GLU B 272 0.95 11.65 -8.73
CA GLU B 272 2.30 11.13 -8.52
C GLU B 272 2.47 10.44 -7.19
N LEU B 273 2.92 9.20 -7.21
CA LEU B 273 3.07 8.36 -6.02
C LEU B 273 4.46 7.71 -5.95
N LYS B 274 4.96 7.44 -4.75
CA LYS B 274 6.29 6.84 -4.56
C LYS B 274 6.26 5.43 -3.96
N HIS B 275 5.12 5.02 -3.40
CA HIS B 275 4.93 3.73 -2.75
C HIS B 275 3.53 3.22 -3.08
N ALA B 276 3.26 1.91 -2.81
CA ALA B 276 1.98 1.32 -3.11
C ALA B 276 0.76 2.11 -2.60
N SER B 277 -0.27 2.15 -3.40
CA SER B 277 -1.51 2.79 -3.07
C SER B 277 -2.59 1.96 -3.76
N HIS B 278 -3.28 1.13 -3.01
CA HIS B 278 -4.27 0.21 -3.60
C HIS B 278 -5.59 0.91 -3.77
N ILE B 279 -5.60 1.88 -4.70
CA ILE B 279 -6.76 2.71 -4.91
C ILE B 279 -7.81 2.08 -5.77
N SER B 280 -9.07 2.39 -5.40
CA SER B 280 -10.26 1.97 -6.13
C SER B 280 -10.63 2.99 -7.17
N LYS B 281 -10.41 4.28 -6.88
CA LYS B 281 -10.73 5.38 -7.78
C LYS B 281 -9.61 6.41 -7.70
N LEU B 282 -9.45 7.23 -8.74
CA LEU B 282 -8.47 8.31 -8.72
C LEU B 282 -9.03 9.50 -7.94
N PRO B 283 -8.17 10.33 -7.32
CA PRO B 283 -8.69 11.58 -6.71
C PRO B 283 -9.30 12.47 -7.82
N LYS B 284 -10.37 13.23 -7.52
CA LYS B 284 -11.04 14.06 -8.52
C LYS B 284 -10.10 14.98 -9.27
N GLY B 285 -10.26 15.04 -10.59
CA GLY B 285 -9.39 15.87 -11.42
C GLY B 285 -8.14 15.16 -11.90
N LYS B 286 -7.85 13.95 -11.37
CA LYS B 286 -6.69 13.17 -11.81
C LYS B 286 -7.13 12.17 -12.90
N HIS B 287 -6.27 11.90 -13.88
CA HIS B 287 -6.60 10.99 -14.99
C HIS B 287 -5.75 9.72 -15.02
N SER B 288 -4.65 9.70 -14.28
CA SER B 288 -3.75 8.57 -14.25
C SER B 288 -2.88 8.61 -12.98
N VAL B 289 -2.10 7.56 -12.77
CA VAL B 289 -1.12 7.53 -11.70
C VAL B 289 0.25 7.47 -12.36
N LYS B 290 1.20 8.19 -11.79
CA LYS B 290 2.59 8.07 -12.19
C LYS B 290 3.36 7.61 -10.95
N GLY B 291 3.91 6.42 -11.01
CA GLY B 291 4.77 5.89 -9.97
C GLY B 291 6.15 6.45 -10.27
N LEU B 292 6.70 7.27 -9.35
CA LEU B 292 7.97 7.96 -9.54
C LEU B 292 9.15 7.08 -9.32
N GLY B 293 9.95 6.92 -10.36
CA GLY B 293 11.16 6.14 -10.29
C GLY B 293 12.36 6.99 -9.93
N LYS B 294 13.41 6.35 -9.40
CA LYS B 294 14.67 7.00 -9.09
C LYS B 294 15.33 7.48 -10.38
N THR B 295 15.20 6.70 -11.46
CA THR B 295 15.75 7.00 -12.77
C THR B 295 14.62 7.32 -13.75
N THR B 296 14.82 8.34 -14.57
CA THR B 296 13.84 8.74 -15.56
C THR B 296 14.58 9.01 -16.89
N PRO B 297 13.96 8.73 -18.06
CA PRO B 297 14.61 9.09 -19.33
C PRO B 297 14.86 10.61 -19.36
N ASP B 298 16.05 11.07 -19.79
CA ASP B 298 16.40 12.49 -19.83
C ASP B 298 15.30 13.36 -20.45
N PRO B 299 14.66 14.21 -19.62
CA PRO B 299 13.55 15.05 -20.13
C PRO B 299 13.90 15.96 -21.29
N SER B 300 15.18 16.35 -21.40
CA SER B 300 15.61 17.20 -22.49
C SER B 300 15.63 16.46 -23.84
N ALA B 301 15.73 15.13 -23.83
CA ALA B 301 15.78 14.35 -25.06
C ALA B 301 14.42 13.84 -25.54
N ASN B 302 13.30 14.34 -24.98
CA ASN B 302 11.96 13.94 -25.41
C ASN B 302 11.69 14.45 -26.82
N ILE B 303 11.13 13.60 -27.68
CA ILE B 303 10.79 13.99 -29.05
C ILE B 303 9.27 13.74 -29.33
N SER B 304 8.77 14.12 -30.51
CA SER B 304 7.36 13.93 -30.84
C SER B 304 7.17 13.00 -32.04
N LEU B 305 6.27 12.02 -31.91
CA LEU B 305 5.95 11.10 -33.01
C LEU B 305 4.43 11.21 -33.24
N ASP B 306 4.04 11.91 -34.33
CA ASP B 306 2.65 12.17 -34.70
C ASP B 306 1.88 12.92 -33.59
N GLY B 307 2.55 13.88 -32.95
CA GLY B 307 1.94 14.68 -31.89
C GLY B 307 1.99 14.07 -30.50
N VAL B 308 2.58 12.88 -30.38
CA VAL B 308 2.65 12.19 -29.08
C VAL B 308 4.10 12.27 -28.56
N ASP B 309 4.28 12.61 -27.28
CA ASP B 309 5.63 12.67 -26.69
C ASP B 309 6.24 11.28 -26.52
N VAL B 310 7.52 11.13 -26.90
CA VAL B 310 8.27 9.89 -26.80
C VAL B 310 9.46 10.11 -25.86
N PRO B 311 9.42 9.53 -24.65
CA PRO B 311 10.54 9.73 -23.70
C PRO B 311 11.71 8.78 -23.97
N LEU B 312 12.42 8.99 -25.09
CA LEU B 312 13.50 8.08 -25.47
C LEU B 312 14.89 8.48 -24.99
N GLY B 313 14.98 9.43 -24.06
CA GLY B 313 16.28 9.83 -23.53
C GLY B 313 16.91 8.75 -22.68
N THR B 314 18.25 8.76 -22.57
CA THR B 314 18.93 7.79 -21.72
C THR B 314 18.63 8.11 -20.24
N GLY B 315 18.64 7.08 -19.41
CA GLY B 315 18.32 7.20 -17.99
C GLY B 315 19.24 8.08 -17.17
N ILE B 316 18.64 9.01 -16.41
CA ILE B 316 19.32 9.92 -15.49
C ILE B 316 18.56 9.92 -14.14
N SER B 317 19.16 10.50 -13.09
CA SER B 317 18.48 10.59 -11.80
C SER B 317 17.31 11.55 -11.93
N SER B 318 16.15 11.13 -11.42
CA SER B 318 14.96 11.98 -11.41
C SER B 318 15.06 13.04 -10.28
N GLY B 319 15.88 12.79 -9.27
CA GLY B 319 15.97 13.67 -8.11
C GLY B 319 14.92 13.35 -7.07
N VAL B 320 14.17 12.23 -7.25
CA VAL B 320 13.13 11.78 -6.35
C VAL B 320 13.76 10.89 -5.28
N ASN B 321 13.58 11.29 -4.02
CA ASN B 321 14.09 10.55 -2.87
C ASN B 321 13.00 9.74 -2.21
N ASP B 322 13.39 8.61 -1.60
CA ASP B 322 12.49 7.74 -0.87
C ASP B 322 11.33 7.25 -1.74
N THR B 323 11.68 6.51 -2.79
CA THR B 323 10.68 5.91 -3.66
C THR B 323 10.97 4.43 -3.72
N SER B 324 9.93 3.61 -3.77
CA SER B 324 10.11 2.16 -3.88
C SER B 324 10.34 1.71 -5.34
N LEU B 325 10.35 2.65 -6.31
CA LEU B 325 10.50 2.31 -7.71
C LEU B 325 11.82 2.74 -8.28
N LEU B 326 12.50 1.82 -8.96
CA LEU B 326 13.73 2.15 -9.65
C LEU B 326 13.42 2.95 -10.89
N TYR B 327 12.34 2.59 -11.60
CA TYR B 327 11.95 3.26 -12.83
C TYR B 327 10.49 3.67 -12.77
N ASN B 328 10.10 4.63 -13.61
CA ASN B 328 8.73 5.12 -13.69
C ASN B 328 7.73 4.06 -14.11
N GLU B 329 6.49 4.28 -13.76
CA GLU B 329 5.38 3.48 -14.22
C GLU B 329 4.14 4.35 -14.28
N TYR B 330 3.31 4.09 -15.27
CA TYR B 330 2.13 4.88 -15.53
C TYR B 330 0.95 3.97 -15.54
N ILE B 331 -0.14 4.40 -14.91
CA ILE B 331 -1.33 3.59 -14.81
C ILE B 331 -2.56 4.37 -15.18
N VAL B 332 -3.40 3.81 -16.06
CA VAL B 332 -4.69 4.41 -16.37
C VAL B 332 -5.79 3.48 -15.88
N TYR B 333 -6.94 4.05 -15.55
CA TYR B 333 -8.02 3.30 -14.95
C TYR B 333 -9.29 3.25 -15.80
N ASP B 334 -9.15 3.55 -17.09
CA ASP B 334 -10.21 3.52 -18.07
C ASP B 334 -9.54 2.97 -19.32
N ILE B 335 -10.03 1.84 -19.84
CA ILE B 335 -9.48 1.20 -21.03
C ILE B 335 -9.50 2.12 -22.28
N ALA B 336 -10.39 3.12 -22.29
CA ALA B 336 -10.50 4.05 -23.42
C ALA B 336 -9.33 5.04 -23.51
N GLN B 337 -8.50 5.14 -22.46
CA GLN B 337 -7.34 6.06 -22.43
C GLN B 337 -6.08 5.51 -23.11
N VAL B 338 -6.20 4.35 -23.79
CA VAL B 338 -5.09 3.69 -24.45
C VAL B 338 -5.41 3.49 -25.93
N ASN B 339 -4.48 3.86 -26.80
CA ASN B 339 -4.61 3.60 -28.22
C ASN B 339 -3.31 2.89 -28.62
N LEU B 340 -3.37 1.57 -28.80
CA LEU B 340 -2.20 0.79 -29.21
C LEU B 340 -1.74 1.22 -30.62
N LYS B 341 -0.46 1.52 -30.79
CA LYS B 341 0.09 2.03 -32.03
C LYS B 341 1.04 1.03 -32.68
N TYR B 342 1.95 0.43 -31.89
CA TYR B 342 2.91 -0.51 -32.46
C TYR B 342 3.06 -1.77 -31.67
N LEU B 343 3.50 -2.81 -32.36
CA LEU B 343 3.84 -4.09 -31.76
C LEU B 343 5.24 -4.44 -32.28
N LEU B 344 6.16 -4.69 -31.36
CA LEU B 344 7.54 -5.02 -31.70
C LEU B 344 7.84 -6.48 -31.38
N LYS B 345 8.54 -7.16 -32.29
CA LYS B 345 9.00 -8.53 -32.08
C LYS B 345 10.49 -8.37 -31.76
N LEU B 346 10.90 -8.80 -30.57
CA LEU B 346 12.28 -8.64 -30.11
C LEU B 346 12.96 -9.96 -29.91
N LYS B 347 14.25 -9.99 -30.18
CA LYS B 347 15.07 -11.16 -29.89
C LYS B 347 15.84 -10.81 -28.61
N PHE B 348 15.74 -11.66 -27.60
CA PHE B 348 16.44 -11.46 -26.33
C PHE B 348 17.70 -12.30 -26.40
N ASN B 349 18.85 -11.67 -26.26
CA ASN B 349 20.13 -12.38 -26.26
C ASN B 349 20.61 -12.47 -24.82
N PHE B 350 20.35 -13.59 -24.15
CA PHE B 350 20.72 -13.76 -22.76
C PHE B 350 22.23 -13.96 -22.61
N LYS B 351 22.82 -13.37 -21.57
CA LYS B 351 24.25 -13.46 -21.36
C LYS B 351 24.68 -14.41 -20.25
N THR B 352 25.86 -15.00 -20.41
CA THR B 352 26.46 -15.89 -19.41
C THR B 352 27.71 -15.27 -18.79
#